data_3ZHZ
#
_entry.id   3ZHZ
#
_cell.length_a   70.040
_cell.length_b   67.800
_cell.length_c   85.430
_cell.angle_alpha   90.00
_cell.angle_beta   108.02
_cell.angle_gamma   90.00
#
_symmetry.space_group_name_H-M   'P 1 21 1'
#
loop_
_entity.id
_entity.type
_entity.pdbx_description
1 polymer '1-DEOXY-D-XYLULOSE 5-PHOSPHATE REDUCTOISOMERASE'
2 non-polymer '[(1S)-1-(3,4-dichlorophenyl)-3-[oxidanyl-[2-[[3-(trifluoromethyl)phenyl]amino]phenyl]carbonyl-amino]propyl]phosphonic acid'
3 water water
#
_entity_poly.entity_id   1
_entity_poly.type   'polypeptide(L)'
_entity_poly.pdbx_seq_one_letter_code
;MAHHHHHHVTNSTDGRADGRLRVVVLGSTGSIGTQALQVIADNPDRFEVVGLAAGGAHLDTLLRQRAQTGVTNIAVADEH
AAQRVGDIPYHGSDAATRLVEQTEADVVLNALVGALGLRPTLAALKTGARLALANKESLVAGGSLVLRAARPGQIVPVDS
EHSALAQCLRGGTPDEVAKLVLTASGGPFRGWSAADLEHVTPEQAGAHPTWSMGPMNTLNSASLVNKGLEVIETHLLFGI
PYDRIDVVVHPQSIIHSMVTFIDGSTIAQASPPDMKLPISLALGWPRRVSGAAAACDFHTASSWEFEPLDTDVFPAVELA
RQAGVAGGCMTAVYNAANEEAAAAFLAGRIGFPAIVGIIADVLHAADQWAVEPATVDDVLDAQRWARERAQRAVSGM
;
_entity_poly.pdbx_strand_id   A,B
#
loop_
_chem_comp.id
_chem_comp.type
_chem_comp.name
_chem_comp.formula
FM7 non-polymer '[(1S)-1-(3,4-dichlorophenyl)-3-[oxidanyl-[2-[[3-(trifluoromethyl)phenyl]amino]phenyl]carbonyl-amino]propyl]phosphonic acid' 'C23 H20 Cl2 F3 N2 O5 P'
#
# COMPACT_ATOMS: atom_id res chain seq x y z
N GLY A 19 -1.10 -16.84 26.77
CA GLY A 19 -0.70 -17.47 25.48
C GLY A 19 0.57 -16.87 24.87
N ARG A 20 1.71 -17.47 25.23
CA ARG A 20 2.99 -17.21 24.57
C ARG A 20 3.13 -18.22 23.44
N LEU A 21 3.75 -17.81 22.34
CA LEU A 21 4.06 -18.73 21.24
C LEU A 21 5.45 -19.34 21.46
N ARG A 22 5.59 -20.64 21.21
CA ARG A 22 6.85 -21.34 21.43
C ARG A 22 7.58 -21.48 20.10
N VAL A 23 8.84 -21.06 20.07
CA VAL A 23 9.55 -20.88 18.81
C VAL A 23 10.84 -21.70 18.75
N VAL A 24 10.96 -22.55 17.74
CA VAL A 24 12.23 -23.22 17.44
C VAL A 24 13.00 -22.36 16.41
N VAL A 25 14.25 -22.02 16.69
CA VAL A 25 15.06 -21.23 15.75
C VAL A 25 16.15 -22.08 15.14
N LEU A 26 16.03 -22.36 13.85
CA LEU A 26 17.07 -23.12 13.12
C LEU A 26 17.97 -22.17 12.32
N GLY A 27 19.28 -22.31 12.49
CA GLY A 27 20.25 -21.37 11.91
C GLY A 27 20.28 -20.14 12.79
N SER A 28 20.36 -20.40 14.09
CA SER A 28 20.24 -19.38 15.12
C SER A 28 21.38 -18.38 15.17
N THR A 29 22.55 -18.77 14.63
CA THR A 29 23.78 -17.98 14.77
C THR A 29 24.04 -17.09 13.55
N GLY A 30 23.26 -17.29 12.50
CA GLY A 30 23.31 -16.43 11.33
C GLY A 30 22.60 -15.10 11.60
N SER A 31 22.51 -14.28 10.55
CA SER A 31 21.92 -12.96 10.66
C SER A 31 20.42 -13.00 10.99
N ILE A 32 19.68 -13.83 10.26
CA ILE A 32 18.24 -13.99 10.49
C ILE A 32 18.01 -14.54 11.90
N GLY A 33 18.68 -15.65 12.18
CA GLY A 33 18.64 -16.25 13.50
C GLY A 33 18.84 -15.31 14.67
N THR A 34 19.90 -14.49 14.62
CA THR A 34 20.24 -13.59 15.72
C THR A 34 19.24 -12.44 15.84
N GLN A 35 18.82 -11.89 14.70
CA GLN A 35 17.77 -10.87 14.69
C GLN A 35 16.44 -11.43 15.22
N ALA A 36 16.15 -12.69 14.91
CA ALA A 36 14.97 -13.40 15.44
C ALA A 36 14.99 -13.49 16.98
N LEU A 37 16.12 -13.91 17.53
CA LEU A 37 16.31 -13.91 19.00
C LEU A 37 16.12 -12.54 19.66
N GLN A 38 16.61 -11.46 19.02
CA GLN A 38 16.44 -10.10 19.53
C GLN A 38 14.95 -9.72 19.64
N VAL A 39 14.18 -10.06 18.62
CA VAL A 39 12.74 -9.80 18.59
C VAL A 39 12.02 -10.57 19.72
N ILE A 40 12.41 -11.84 19.92
CA ILE A 40 11.80 -12.68 20.94
C ILE A 40 12.13 -12.09 22.30
N ALA A 41 13.40 -11.75 22.50
CA ALA A 41 13.85 -11.08 23.74
C ALA A 41 13.14 -9.76 24.09
N ASP A 42 12.79 -8.95 23.07
CA ASP A 42 12.04 -7.70 23.27
C ASP A 42 10.54 -7.92 23.52
N ASN A 43 10.04 -9.09 23.17
CA ASN A 43 8.62 -9.39 23.29
C ASN A 43 8.39 -10.70 24.06
N PRO A 44 8.78 -10.72 25.35
CA PRO A 44 8.64 -11.99 26.09
C PRO A 44 7.20 -12.35 26.40
N ASP A 45 6.31 -11.35 26.38
CA ASP A 45 4.89 -11.60 26.51
C ASP A 45 4.33 -12.39 25.32
N ARG A 46 4.88 -12.16 24.13
CA ARG A 46 4.40 -12.79 22.87
C ARG A 46 5.11 -14.09 22.48
N PHE A 47 6.39 -14.20 22.82
CA PHE A 47 7.21 -15.31 22.34
C PHE A 47 8.13 -15.92 23.38
N GLU A 48 8.53 -17.16 23.10
CA GLU A 48 9.43 -17.91 23.94
C GLU A 48 10.27 -18.79 23.02
N VAL A 49 11.59 -18.70 23.17
CA VAL A 49 12.50 -19.62 22.50
C VAL A 49 12.48 -20.98 23.22
N VAL A 50 12.32 -22.07 22.47
CA VAL A 50 12.31 -23.44 23.07
C VAL A 50 13.24 -24.43 22.36
N GLY A 51 14.04 -23.92 21.41
CA GLY A 51 15.00 -24.76 20.69
C GLY A 51 15.87 -23.95 19.77
N LEU A 52 17.10 -24.42 19.58
CA LEU A 52 18.06 -23.79 18.66
C LEU A 52 18.84 -24.84 17.88
N ALA A 53 19.17 -24.51 16.64
CA ALA A 53 20.04 -25.35 15.85
C ALA A 53 21.01 -24.47 15.06
N ALA A 54 22.26 -24.91 14.98
CA ALA A 54 23.27 -24.17 14.23
C ALA A 54 24.25 -25.05 13.46
N GLY A 55 24.64 -24.57 12.28
CA GLY A 55 25.79 -25.11 11.58
C GLY A 55 26.98 -24.60 12.36
N GLY A 56 27.74 -25.56 12.90
CA GLY A 56 28.73 -25.30 13.95
C GLY A 56 29.83 -24.27 13.79
N ALA A 57 29.93 -23.64 12.61
CA ALA A 57 31.02 -22.69 12.32
C ALA A 57 31.14 -21.53 13.31
N HIS A 58 30.01 -21.07 13.86
CA HIS A 58 30.03 -19.99 14.84
C HIS A 58 29.74 -20.48 16.27
N LEU A 59 30.40 -21.57 16.62
CA LEU A 59 30.41 -22.18 17.97
C LEU A 59 30.21 -21.22 19.14
N ASP A 60 31.06 -20.19 19.22
CA ASP A 60 31.06 -19.23 20.30
C ASP A 60 29.69 -18.53 20.49
N THR A 61 29.00 -18.28 19.38
CA THR A 61 27.71 -17.60 19.41
C THR A 61 26.64 -18.51 20.00
N LEU A 62 26.66 -19.78 19.62
CA LEU A 62 25.66 -20.73 20.14
C LEU A 62 25.71 -20.84 21.66
N LEU A 63 26.93 -20.96 22.21
CA LEU A 63 27.14 -21.04 23.65
C LEU A 63 26.67 -19.78 24.36
N ARG A 64 26.89 -18.62 23.73
CA ARG A 64 26.39 -17.35 24.25
C ARG A 64 24.86 -17.35 24.30
N GLN A 65 24.25 -17.86 23.22
CA GLN A 65 22.78 -17.92 23.15
C GLN A 65 22.18 -18.91 24.15
N ARG A 66 22.86 -20.02 24.39
CA ARG A 66 22.46 -20.96 25.41
C ARG A 66 22.51 -20.30 26.79
N ALA A 67 23.61 -19.60 27.05
CA ALA A 67 23.79 -18.90 28.32
C ALA A 67 22.79 -17.77 28.53
N GLN A 68 22.46 -17.05 27.46
CA GLN A 68 21.57 -15.88 27.56
C GLN A 68 20.09 -16.25 27.63
N THR A 69 19.66 -17.21 26.80
CA THR A 69 18.27 -17.67 26.76
C THR A 69 17.95 -18.76 27.80
N GLY A 70 18.97 -19.46 28.25
CA GLY A 70 18.81 -20.58 29.18
C GLY A 70 18.34 -21.88 28.51
N VAL A 71 18.20 -21.85 27.19
CA VAL A 71 17.75 -23.00 26.41
C VAL A 71 18.88 -24.01 26.21
N THR A 72 18.66 -25.23 26.71
CA THR A 72 19.62 -26.32 26.58
C THR A 72 19.25 -27.25 25.43
N ASN A 73 17.98 -27.22 25.02
CA ASN A 73 17.49 -28.05 23.90
C ASN A 73 18.09 -27.61 22.56
N ILE A 74 19.26 -28.14 22.24
CA ILE A 74 20.06 -27.63 21.14
C ILE A 74 20.58 -28.69 20.17
N ALA A 75 20.54 -28.38 18.87
CA ALA A 75 21.11 -29.23 17.82
C ALA A 75 22.35 -28.60 17.18
N VAL A 76 23.32 -29.45 16.84
CA VAL A 76 24.56 -29.02 16.19
C VAL A 76 24.86 -29.96 15.02
N ALA A 77 24.95 -29.40 13.81
CA ALA A 77 25.15 -30.19 12.59
C ALA A 77 26.60 -30.65 12.29
N ASP A 78 27.52 -30.46 13.24
CA ASP A 78 28.95 -30.79 13.05
C ASP A 78 29.57 -31.34 14.33
N GLU A 79 29.92 -32.62 14.33
CA GLU A 79 30.53 -33.31 15.48
C GLU A 79 31.90 -32.73 15.83
N ASP A 87 27.57 -31.22 25.74
CA ASP A 87 26.31 -31.06 26.45
C ASP A 87 25.13 -31.07 25.48
N ILE A 88 25.43 -31.34 24.21
CA ILE A 88 24.47 -31.20 23.11
C ILE A 88 23.57 -32.43 22.93
N PRO A 89 22.25 -32.27 23.15
CA PRO A 89 21.31 -33.39 23.03
C PRO A 89 21.04 -33.85 21.60
N TYR A 90 21.42 -33.04 20.62
CA TYR A 90 21.20 -33.37 19.21
C TYR A 90 22.42 -33.03 18.37
N HIS A 91 23.32 -33.99 18.26
CA HIS A 91 24.51 -33.87 17.42
C HIS A 91 24.31 -34.77 16.20
N GLY A 92 24.95 -34.43 15.09
CA GLY A 92 24.88 -35.29 13.90
C GLY A 92 24.90 -34.55 12.58
N SER A 93 24.15 -35.07 11.61
CA SER A 93 24.06 -34.50 10.27
C SER A 93 22.62 -34.10 9.96
N ASP A 94 21.69 -34.84 10.57
CA ASP A 94 20.29 -34.45 10.59
C ASP A 94 19.88 -34.10 12.02
N ALA A 95 20.77 -33.36 12.70
CA ALA A 95 20.57 -32.93 14.09
C ALA A 95 19.36 -31.99 14.25
N ALA A 96 19.24 -31.03 13.32
CA ALA A 96 18.16 -30.07 13.34
C ALA A 96 16.80 -30.75 13.13
N THR A 97 16.79 -31.76 12.25
CA THR A 97 15.58 -32.53 11.93
C THR A 97 15.05 -33.29 13.15
N ARG A 98 15.95 -33.97 13.88
CA ARG A 98 15.60 -34.66 15.13
C ARG A 98 15.01 -33.72 16.17
N LEU A 99 15.60 -32.53 16.30
CA LEU A 99 15.13 -31.52 17.25
C LEU A 99 13.71 -31.06 16.93
N VAL A 100 13.44 -30.78 15.66
CA VAL A 100 12.11 -30.34 15.20
C VAL A 100 11.02 -31.37 15.52
N GLU A 101 11.29 -32.64 15.22
CA GLU A 101 10.35 -33.75 15.42
C GLU A 101 9.97 -33.96 16.87
N GLN A 102 10.89 -33.61 17.77
CA GLN A 102 10.79 -33.93 19.18
C GLN A 102 10.13 -32.85 20.02
N THR A 103 10.36 -31.59 19.64
CA THR A 103 10.06 -30.41 20.48
C THR A 103 8.65 -29.86 20.30
N GLU A 104 7.91 -29.74 21.41
CA GLU A 104 6.57 -29.20 21.38
C GLU A 104 6.63 -27.70 21.06
N ALA A 105 6.21 -27.34 19.85
CA ALA A 105 6.32 -25.96 19.37
C ALA A 105 5.12 -25.45 18.56
N ASP A 106 4.97 -24.13 18.57
CA ASP A 106 3.94 -23.43 17.79
C ASP A 106 4.46 -22.90 16.46
N VAL A 107 5.71 -22.48 16.44
CA VAL A 107 6.32 -21.91 15.24
C VAL A 107 7.73 -22.46 15.11
N VAL A 108 8.08 -22.91 13.90
CA VAL A 108 9.46 -23.17 13.60
C VAL A 108 9.99 -22.11 12.61
N LEU A 109 11.06 -21.42 13.00
CA LEU A 109 11.77 -20.54 12.09
C LEU A 109 12.93 -21.28 11.46
N ASN A 110 12.83 -21.52 10.15
CA ASN A 110 13.89 -22.22 9.45
C ASN A 110 14.79 -21.22 8.72
N ALA A 111 15.88 -20.84 9.37
CA ALA A 111 16.86 -19.90 8.79
C ALA A 111 18.17 -20.60 8.41
N LEU A 112 18.13 -21.93 8.37
CA LEU A 112 19.25 -22.73 7.83
C LEU A 112 19.53 -22.34 6.38
N VAL A 113 20.80 -22.43 6.00
CA VAL A 113 21.18 -22.01 4.65
C VAL A 113 21.21 -23.22 3.67
N GLY A 114 20.76 -22.98 2.45
CA GLY A 114 20.86 -23.97 1.38
C GLY A 114 20.15 -25.30 1.62
N ALA A 115 20.85 -26.38 1.28
CA ALA A 115 20.25 -27.72 1.16
C ALA A 115 20.09 -28.42 2.50
N LEU A 116 20.81 -27.94 3.51
CA LEU A 116 20.76 -28.55 4.83
C LEU A 116 19.38 -28.31 5.49
N GLY A 117 18.49 -27.64 4.74
CA GLY A 117 17.20 -27.19 5.26
C GLY A 117 15.93 -27.83 4.71
N LEU A 118 16.06 -28.71 3.72
CA LEU A 118 14.87 -29.37 3.16
C LEU A 118 14.21 -30.36 4.11
N ARG A 119 15.02 -31.19 4.77
CA ARG A 119 14.48 -32.19 5.69
C ARG A 119 13.86 -31.54 6.95
N PRO A 120 14.51 -30.49 7.52
CA PRO A 120 13.89 -29.77 8.65
C PRO A 120 12.56 -29.08 8.32
N THR A 121 12.39 -28.64 7.07
CA THR A 121 11.14 -28.02 6.61
C THR A 121 9.98 -29.01 6.61
N LEU A 122 10.20 -30.18 6.00
CA LEU A 122 9.18 -31.24 5.97
C LEU A 122 8.85 -31.75 7.38
N ALA A 123 9.87 -31.89 8.22
CA ALA A 123 9.64 -32.26 9.62
C ALA A 123 8.79 -31.20 10.31
N ALA A 124 9.16 -29.93 10.12
CA ALA A 124 8.43 -28.82 10.70
C ALA A 124 6.96 -28.85 10.27
N LEU A 125 6.71 -28.97 8.97
CA LEU A 125 5.33 -29.08 8.49
C LEU A 125 4.55 -30.31 9.02
N LYS A 126 5.22 -31.45 9.18
CA LYS A 126 4.57 -32.66 9.74
C LYS A 126 4.09 -32.51 11.19
N THR A 127 4.77 -31.68 11.98
CA THR A 127 4.33 -31.35 13.35
C THR A 127 3.04 -30.52 13.39
N GLY A 128 2.75 -29.80 12.30
CA GLY A 128 1.57 -28.94 12.26
C GLY A 128 1.82 -27.52 12.72
N ALA A 129 3.03 -27.24 13.21
CA ALA A 129 3.40 -25.88 13.61
C ALA A 129 3.56 -24.94 12.40
N ARG A 130 3.40 -23.64 12.64
CA ARG A 130 3.66 -22.63 11.62
C ARG A 130 5.12 -22.73 11.23
N LEU A 131 5.38 -22.73 9.92
CA LEU A 131 6.74 -22.67 9.42
C LEU A 131 7.05 -21.24 8.93
N ALA A 132 7.84 -20.53 9.71
CA ALA A 132 8.34 -19.22 9.32
C ALA A 132 9.60 -19.47 8.50
N LEU A 133 9.43 -19.38 7.18
CA LEU A 133 10.45 -19.84 6.27
C LEU A 133 11.35 -18.73 5.75
N ALA A 134 12.62 -18.80 6.09
CA ALA A 134 13.65 -17.89 5.55
C ALA A 134 14.41 -18.62 4.46
N ASN A 135 14.52 -19.92 4.66
CA ASN A 135 15.25 -20.83 3.79
C ASN A 135 14.47 -21.16 2.51
N LYS A 136 14.36 -20.18 1.61
CA LYS A 136 13.48 -20.32 0.43
C LYS A 136 13.87 -21.46 -0.51
N GLU A 137 15.11 -21.95 -0.34
CA GLU A 137 15.63 -23.06 -1.13
C GLU A 137 14.91 -24.38 -0.86
N SER A 138 14.41 -24.58 0.35
CA SER A 138 13.60 -25.76 0.68
C SER A 138 12.32 -25.83 -0.13
N LEU A 139 11.75 -24.66 -0.41
CA LEU A 139 10.52 -24.53 -1.15
C LEU A 139 10.77 -24.59 -2.65
N VAL A 140 11.80 -23.89 -3.12
CA VAL A 140 12.20 -23.92 -4.53
C VAL A 140 12.63 -25.34 -4.98
N ALA A 141 13.36 -26.04 -4.13
CA ALA A 141 13.78 -27.39 -4.45
C ALA A 141 12.65 -28.38 -4.21
N GLY A 142 12.00 -28.30 -3.06
CA GLY A 142 10.92 -29.24 -2.70
C GLY A 142 9.68 -29.18 -3.56
N GLY A 143 9.37 -27.99 -4.09
CA GLY A 143 8.20 -27.80 -4.95
C GLY A 143 6.93 -28.42 -4.37
N SER A 144 6.23 -29.19 -5.19
CA SER A 144 4.95 -29.81 -4.81
C SER A 144 5.09 -30.71 -3.59
N LEU A 145 6.25 -31.33 -3.43
CA LEU A 145 6.51 -32.15 -2.26
C LEU A 145 6.27 -31.39 -0.97
N VAL A 146 6.80 -30.16 -0.91
CA VAL A 146 6.63 -29.30 0.26
C VAL A 146 5.17 -28.82 0.38
N LEU A 147 4.55 -28.54 -0.75
CA LEU A 147 3.17 -28.03 -0.76
C LEU A 147 2.14 -29.05 -0.22
N ARG A 148 2.35 -30.33 -0.54
CA ARG A 148 1.48 -31.42 -0.10
C ARG A 148 1.58 -31.63 1.39
N ALA A 149 2.75 -31.33 1.95
CA ALA A 149 2.97 -31.47 3.38
C ALA A 149 2.27 -30.35 4.17
N ALA A 150 2.09 -29.21 3.51
CA ALA A 150 1.58 -28.00 4.17
C ALA A 150 0.06 -27.90 4.08
N ARG A 151 -0.54 -27.37 5.14
CA ARG A 151 -1.92 -26.93 5.12
C ARG A 151 -1.95 -25.49 4.60
N PRO A 152 -3.14 -24.97 4.28
CA PRO A 152 -3.20 -23.55 3.92
C PRO A 152 -2.80 -22.61 5.06
N GLY A 153 -1.94 -21.65 4.74
CA GLY A 153 -1.51 -20.64 5.68
C GLY A 153 -0.44 -21.07 6.67
N GLN A 154 0.08 -22.28 6.49
CA GLN A 154 1.05 -22.85 7.42
C GLN A 154 2.48 -22.40 7.09
N ILE A 155 2.78 -22.20 5.82
CA ILE A 155 4.07 -21.63 5.44
C ILE A 155 3.94 -20.11 5.37
N VAL A 156 4.66 -19.43 6.26
CA VAL A 156 4.69 -17.97 6.33
C VAL A 156 6.10 -17.47 6.02
N PRO A 157 6.28 -16.82 4.86
CA PRO A 157 7.58 -16.38 4.34
C PRO A 157 8.28 -15.36 5.26
N VAL A 158 9.59 -15.47 5.40
CA VAL A 158 10.35 -14.50 6.20
C VAL A 158 11.02 -13.40 5.35
N ASP A 159 11.36 -13.68 4.10
CA ASP A 159 11.97 -12.67 3.26
C ASP A 159 11.08 -11.43 3.15
N SER A 160 11.70 -10.29 2.86
CA SER A 160 11.00 -9.03 2.87
C SER A 160 9.96 -8.90 1.72
N GLU A 161 10.30 -9.45 0.55
CA GLU A 161 9.44 -9.38 -0.63
C GLU A 161 8.12 -10.14 -0.42
N HIS A 162 8.20 -11.34 0.13
CA HIS A 162 6.98 -12.13 0.35
C HIS A 162 6.17 -11.64 1.54
N SER A 163 6.86 -11.10 2.53
CA SER A 163 6.19 -10.36 3.62
C SER A 163 5.40 -9.18 3.06
N ALA A 164 6.03 -8.37 2.21
CA ALA A 164 5.35 -7.26 1.50
C ALA A 164 4.10 -7.71 0.72
N LEU A 165 4.27 -8.71 -0.15
CA LEU A 165 3.16 -9.25 -0.93
C LEU A 165 1.97 -9.67 -0.06
N ALA A 166 2.23 -10.42 1.02
CA ALA A 166 1.16 -10.93 1.91
C ALA A 166 0.41 -9.76 2.50
N GLN A 167 1.18 -8.74 2.90
CA GLN A 167 0.59 -7.51 3.42
C GLN A 167 -0.25 -6.80 2.37
N CYS A 168 0.25 -6.67 1.16
CA CYS A 168 -0.47 -5.95 0.09
C CYS A 168 -1.74 -6.67 -0.39
N LEU A 169 -1.72 -7.99 -0.34
CA LEU A 169 -2.86 -8.83 -0.77
C LEU A 169 -4.03 -8.79 0.21
N ARG A 170 -3.83 -8.20 1.38
CA ARG A 170 -4.96 -7.86 2.21
C ARG A 170 -5.76 -6.71 1.54
N GLY A 171 -5.25 -6.21 0.41
CA GLY A 171 -5.89 -5.17 -0.37
C GLY A 171 -6.92 -5.66 -1.37
N GLY A 172 -7.30 -6.94 -1.26
CA GLY A 172 -8.39 -7.50 -2.07
C GLY A 172 -8.63 -9.01 -1.92
N THR A 173 -9.37 -9.56 -2.89
CA THR A 173 -9.57 -10.99 -3.01
C THR A 173 -8.69 -11.55 -4.15
N PRO A 174 -8.44 -12.87 -4.16
CA PRO A 174 -7.58 -13.47 -5.21
C PRO A 174 -7.91 -13.10 -6.65
N ASP A 175 -9.20 -13.06 -6.99
CA ASP A 175 -9.60 -12.72 -8.37
C ASP A 175 -9.49 -11.23 -8.73
N GLU A 176 -9.11 -10.40 -7.74
CA GLU A 176 -8.87 -8.97 -8.01
C GLU A 176 -7.40 -8.68 -8.34
N VAL A 177 -6.57 -9.70 -8.26
CA VAL A 177 -5.15 -9.55 -8.53
C VAL A 177 -4.83 -9.59 -10.03
N ALA A 178 -4.21 -8.52 -10.53
CA ALA A 178 -3.70 -8.49 -11.90
C ALA A 178 -2.24 -8.97 -11.99
N LYS A 179 -1.35 -8.32 -11.24
CA LYS A 179 0.08 -8.65 -11.22
C LYS A 179 0.63 -8.62 -9.80
N LEU A 180 1.50 -9.56 -9.45
CA LEU A 180 2.41 -9.35 -8.34
C LEU A 180 3.68 -8.66 -8.86
N VAL A 181 4.16 -7.64 -8.17
CA VAL A 181 5.35 -6.96 -8.64
C VAL A 181 6.45 -7.07 -7.59
N LEU A 182 7.47 -7.87 -7.88
CA LEU A 182 8.59 -8.02 -6.95
C LEU A 182 9.60 -6.92 -7.22
N THR A 183 10.15 -6.31 -6.17
CA THR A 183 11.23 -5.36 -6.37
C THR A 183 12.58 -6.04 -6.18
N ALA A 184 13.56 -5.61 -6.96
CA ALA A 184 14.89 -6.15 -6.88
C ALA A 184 15.84 -4.99 -6.65
N SER A 185 16.78 -5.16 -5.74
CA SER A 185 17.76 -4.12 -5.51
C SER A 185 18.51 -3.84 -6.82
N GLY A 186 18.74 -4.89 -7.60
CA GLY A 186 19.58 -4.80 -8.78
C GLY A 186 21.04 -5.16 -8.57
N GLY A 187 21.46 -5.29 -7.31
CA GLY A 187 22.85 -5.63 -7.01
C GLY A 187 23.79 -4.48 -7.34
N PRO A 188 25.11 -4.70 -7.26
CA PRO A 188 26.10 -3.64 -7.52
C PRO A 188 26.31 -3.40 -9.00
N PHE A 189 25.72 -4.23 -9.86
CA PHE A 189 26.04 -4.18 -11.29
C PHE A 189 24.99 -3.58 -12.21
N ARG A 190 24.10 -2.76 -11.66
CA ARG A 190 23.16 -1.96 -12.48
C ARG A 190 23.96 -1.16 -13.49
N GLY A 191 23.57 -1.26 -14.77
CA GLY A 191 24.20 -0.55 -15.87
C GLY A 191 25.38 -1.25 -16.53
N TRP A 192 25.81 -2.38 -15.96
CA TRP A 192 26.96 -3.09 -16.48
C TRP A 192 26.55 -3.94 -17.68
N SER A 193 27.43 -3.98 -18.68
CA SER A 193 27.29 -4.86 -19.85
C SER A 193 27.89 -6.21 -19.49
N ALA A 194 27.63 -7.24 -20.30
CA ALA A 194 28.21 -8.56 -20.05
C ALA A 194 29.73 -8.49 -20.17
N ALA A 195 30.24 -7.67 -21.10
CA ALA A 195 31.69 -7.47 -21.20
C ALA A 195 32.26 -6.93 -19.88
N ASP A 196 31.65 -5.87 -19.34
CA ASP A 196 32.08 -5.35 -18.03
C ASP A 196 32.07 -6.47 -16.97
N LEU A 197 31.08 -7.37 -17.06
CA LEU A 197 30.94 -8.42 -16.03
C LEU A 197 32.03 -9.51 -16.03
N GLU A 198 32.67 -9.74 -17.17
CA GLU A 198 33.71 -10.77 -17.26
C GLU A 198 34.86 -10.59 -16.25
N HIS A 199 35.16 -9.35 -15.89
CA HIS A 199 36.35 -9.04 -15.08
C HIS A 199 36.01 -8.79 -13.60
N VAL A 200 34.80 -9.18 -13.22
CA VAL A 200 34.30 -9.01 -11.86
C VAL A 200 34.91 -10.03 -10.91
N THR A 201 35.35 -9.55 -9.76
CA THR A 201 35.86 -10.39 -8.66
C THR A 201 34.77 -10.62 -7.61
N PRO A 202 34.95 -11.63 -6.74
CA PRO A 202 34.02 -11.88 -5.63
C PRO A 202 33.65 -10.67 -4.75
N GLU A 203 34.62 -9.83 -4.40
CA GLU A 203 34.38 -8.73 -3.46
C GLU A 203 33.55 -7.61 -4.09
N GLN A 204 33.69 -7.42 -5.41
CA GLN A 204 32.89 -6.47 -6.15
C GLN A 204 31.44 -6.89 -6.19
N ALA A 205 31.21 -8.20 -6.21
CA ALA A 205 29.86 -8.78 -6.14
C ALA A 205 29.45 -9.00 -4.68
N GLY A 206 30.16 -8.32 -3.78
CA GLY A 206 29.87 -8.35 -2.34
C GLY A 206 30.17 -9.64 -1.59
N ALA A 207 31.05 -10.48 -2.12
CA ALA A 207 31.43 -11.73 -1.45
C ALA A 207 32.93 -11.81 -1.11
N HIS A 208 33.39 -13.02 -0.78
CA HIS A 208 34.81 -13.26 -0.44
C HIS A 208 35.25 -14.65 -0.92
N PRO A 209 36.51 -14.78 -1.37
CA PRO A 209 37.02 -16.06 -1.87
C PRO A 209 37.07 -17.18 -0.81
N ASN A 217 23.40 -15.62 -0.79
CA ASN A 217 22.39 -14.58 -0.50
C ASN A 217 22.80 -13.21 -1.07
N THR A 218 24.03 -12.79 -0.80
CA THR A 218 24.62 -11.56 -1.35
C THR A 218 25.09 -11.71 -2.80
N LEU A 219 25.76 -12.83 -3.10
CA LEU A 219 26.07 -13.19 -4.47
C LEU A 219 24.81 -13.38 -5.37
N ASN A 220 23.83 -14.13 -4.87
CA ASN A 220 22.54 -14.29 -5.56
C ASN A 220 21.81 -12.96 -5.84
N SER A 221 21.93 -12.00 -4.93
CA SER A 221 21.47 -10.64 -5.20
C SER A 221 22.20 -10.02 -6.40
N ALA A 222 23.53 -10.12 -6.42
CA ALA A 222 24.35 -9.54 -7.51
C ALA A 222 24.05 -10.14 -8.88
N SER A 223 23.77 -11.45 -8.93
CA SER A 223 23.54 -12.17 -10.17
C SER A 223 22.07 -12.24 -10.56
N LEU A 224 21.19 -11.76 -9.68
CA LEU A 224 19.73 -11.78 -9.88
C LEU A 224 19.08 -13.16 -9.69
N VAL A 225 19.88 -14.16 -9.30
CA VAL A 225 19.32 -15.47 -8.97
C VAL A 225 18.37 -15.39 -7.79
N ASN A 226 18.66 -14.53 -6.81
CA ASN A 226 17.75 -14.41 -5.68
C ASN A 226 16.35 -14.05 -6.16
N LYS A 227 16.27 -13.11 -7.09
CA LYS A 227 14.97 -12.72 -7.63
C LYS A 227 14.28 -13.90 -8.32
N GLY A 228 15.05 -14.67 -9.11
CA GLY A 228 14.56 -15.89 -9.76
C GLY A 228 14.05 -16.90 -8.73
N LEU A 229 14.80 -17.11 -7.66
CA LEU A 229 14.33 -17.94 -6.56
C LEU A 229 13.02 -17.40 -6.00
N GLU A 230 12.93 -16.07 -5.93
CA GLU A 230 11.72 -15.42 -5.42
C GLU A 230 10.52 -15.45 -6.34
N VAL A 231 10.73 -15.34 -7.65
CA VAL A 231 9.65 -15.58 -8.62
C VAL A 231 9.07 -16.99 -8.40
N ILE A 232 9.92 -18.02 -8.37
CA ILE A 232 9.44 -19.37 -8.10
C ILE A 232 8.67 -19.46 -6.79
N GLU A 233 9.26 -18.96 -5.71
CA GLU A 233 8.62 -18.93 -4.39
C GLU A 233 7.27 -18.26 -4.45
N THR A 234 7.18 -17.14 -5.17
CA THR A 234 5.94 -16.38 -5.30
C THR A 234 4.86 -17.24 -5.93
N HIS A 235 5.25 -17.92 -7.01
CA HIS A 235 4.34 -18.83 -7.68
C HIS A 235 3.83 -19.92 -6.76
N LEU A 236 4.73 -20.54 -6.00
CA LEU A 236 4.35 -21.71 -5.23
C LEU A 236 3.43 -21.33 -4.08
N LEU A 237 3.76 -20.25 -3.39
CA LEU A 237 3.02 -19.82 -2.21
C LEU A 237 1.68 -19.15 -2.50
N PHE A 238 1.63 -18.30 -3.53
CA PHE A 238 0.42 -17.52 -3.83
C PHE A 238 -0.44 -18.09 -4.95
N GLY A 239 0.11 -19.01 -5.73
CA GLY A 239 -0.64 -19.67 -6.80
C GLY A 239 -0.72 -18.91 -8.11
N ILE A 240 -0.01 -17.79 -8.20
CA ILE A 240 -0.11 -16.89 -9.36
C ILE A 240 0.74 -17.40 -10.53
N PRO A 241 0.18 -17.39 -11.75
CA PRO A 241 0.94 -17.72 -12.96
C PRO A 241 2.19 -16.85 -13.14
N TYR A 242 3.27 -17.47 -13.63
CA TYR A 242 4.54 -16.79 -13.87
C TYR A 242 4.40 -15.55 -14.74
N ASP A 243 3.48 -15.57 -15.68
CA ASP A 243 3.35 -14.44 -16.62
C ASP A 243 2.65 -13.21 -15.98
N ARG A 244 2.24 -13.35 -14.72
CA ARG A 244 1.61 -12.26 -13.95
C ARG A 244 2.49 -11.95 -12.71
N ILE A 245 3.76 -12.36 -12.77
CA ILE A 245 4.75 -12.03 -11.75
C ILE A 245 5.83 -11.20 -12.42
N ASP A 246 5.83 -9.89 -12.16
CA ASP A 246 6.86 -8.99 -12.69
C ASP A 246 7.99 -8.77 -11.69
N VAL A 247 9.10 -8.29 -12.23
CA VAL A 247 10.21 -7.81 -11.45
C VAL A 247 10.58 -6.41 -11.99
N VAL A 248 10.78 -5.49 -11.06
CA VAL A 248 11.22 -4.12 -11.35
C VAL A 248 12.40 -3.81 -10.43
N VAL A 249 13.37 -3.05 -10.93
CA VAL A 249 14.52 -2.74 -10.10
C VAL A 249 14.25 -1.49 -9.28
N HIS A 250 14.56 -1.56 -8.00
CA HIS A 250 14.35 -0.47 -7.08
C HIS A 250 15.56 -0.43 -6.16
N PRO A 251 16.54 0.47 -6.44
CA PRO A 251 17.85 0.33 -5.74
C PRO A 251 17.88 0.71 -4.27
N GLN A 252 16.90 1.48 -3.79
CA GLN A 252 16.91 1.94 -2.40
C GLN A 252 16.41 0.82 -1.48
N SER A 253 15.82 -0.23 -2.06
CA SER A 253 15.28 -1.36 -1.28
C SER A 253 14.37 -0.88 -0.14
N ILE A 254 13.49 0.06 -0.43
CA ILE A 254 12.57 0.60 0.56
C ILE A 254 11.18 0.04 0.28
N ILE A 255 10.70 0.17 -0.96
CA ILE A 255 9.57 -0.63 -1.41
C ILE A 255 10.04 -2.09 -1.56
N HIS A 256 9.41 -3.00 -0.84
CA HIS A 256 9.84 -4.40 -0.78
C HIS A 256 9.09 -5.35 -1.72
N SER A 257 7.90 -4.94 -2.16
CA SER A 257 7.19 -5.52 -3.31
C SER A 257 5.84 -4.81 -3.38
N MET A 258 5.05 -5.10 -4.42
CA MET A 258 3.79 -4.41 -4.69
C MET A 258 2.80 -5.38 -5.28
N VAL A 259 1.52 -5.01 -5.21
CA VAL A 259 0.47 -5.75 -5.92
C VAL A 259 -0.36 -4.77 -6.75
N THR A 260 -0.53 -5.09 -8.01
CA THR A 260 -1.39 -4.33 -8.90
C THR A 260 -2.70 -5.07 -9.06
N PHE A 261 -3.82 -4.38 -8.83
CA PHE A 261 -5.11 -5.02 -8.90
C PHE A 261 -5.80 -4.73 -10.23
N ILE A 262 -6.86 -5.48 -10.53
CA ILE A 262 -7.54 -5.41 -11.84
C ILE A 262 -8.15 -4.06 -12.14
N ASP A 263 -8.36 -3.22 -11.12
CA ASP A 263 -8.86 -1.86 -11.35
C ASP A 263 -7.79 -0.86 -11.72
N GLY A 264 -6.52 -1.24 -11.57
CA GLY A 264 -5.41 -0.30 -11.82
C GLY A 264 -4.79 0.30 -10.56
N SER A 265 -5.42 0.03 -9.41
CA SER A 265 -4.79 0.36 -8.13
C SER A 265 -3.60 -0.55 -7.79
N THR A 266 -2.50 0.08 -7.34
CA THR A 266 -1.36 -0.66 -6.81
C THR A 266 -1.17 -0.35 -5.34
N ILE A 267 -1.07 -1.43 -4.55
CA ILE A 267 -0.73 -1.36 -3.13
C ILE A 267 0.74 -1.82 -2.94
N ALA A 268 1.53 -1.01 -2.21
CA ALA A 268 2.98 -1.28 -2.02
C ALA A 268 3.29 -1.34 -0.55
N GLN A 269 4.34 -2.06 -0.16
CA GLN A 269 4.78 -2.05 1.24
C GLN A 269 6.19 -1.44 1.32
N ALA A 270 6.42 -0.62 2.34
CA ALA A 270 7.62 0.21 2.42
C ALA A 270 8.16 0.33 3.82
N SER A 271 9.49 0.21 3.93
CA SER A 271 10.22 0.36 5.18
C SER A 271 11.72 0.40 4.92
N PRO A 272 12.49 1.14 5.78
CA PRO A 272 13.97 1.02 5.71
C PRO A 272 14.34 -0.44 5.83
N PRO A 273 15.36 -0.88 5.08
CA PRO A 273 15.71 -2.31 5.12
C PRO A 273 16.08 -2.77 6.55
N ASP A 274 15.32 -3.71 7.10
CA ASP A 274 15.55 -4.21 8.45
C ASP A 274 14.76 -5.49 8.60
N MET A 275 15.48 -6.61 8.61
CA MET A 275 14.89 -7.94 8.66
C MET A 275 13.96 -8.23 9.83
N LYS A 276 14.17 -7.54 10.96
CA LYS A 276 13.30 -7.70 12.13
C LYS A 276 11.84 -7.37 11.84
N LEU A 277 11.59 -6.57 10.80
CA LEU A 277 10.19 -6.31 10.46
C LEU A 277 9.49 -7.57 9.94
N PRO A 278 9.96 -8.15 8.81
CA PRO A 278 9.27 -9.36 8.32
C PRO A 278 9.47 -10.62 9.17
N ILE A 279 10.61 -10.71 9.86
CA ILE A 279 10.78 -11.71 10.91
C ILE A 279 9.68 -11.60 11.98
N SER A 280 9.44 -10.38 12.49
CA SER A 280 8.46 -10.17 13.57
C SER A 280 7.04 -10.58 13.14
N LEU A 281 6.66 -10.16 11.93
CA LEU A 281 5.36 -10.44 11.35
C LEU A 281 5.18 -11.94 11.05
N ALA A 282 6.27 -12.60 10.68
CA ALA A 282 6.21 -14.04 10.42
C ALA A 282 5.94 -14.86 11.69
N LEU A 283 6.57 -14.46 12.80
CA LEU A 283 6.39 -15.12 14.09
C LEU A 283 5.04 -14.83 14.70
N GLY A 284 4.58 -13.58 14.60
CA GLY A 284 3.31 -13.18 15.22
C GLY A 284 2.06 -13.22 14.35
N TRP A 285 2.21 -13.68 13.11
CA TRP A 285 1.13 -13.68 12.13
C TRP A 285 -0.16 -14.24 12.73
N PRO A 286 -1.31 -13.55 12.52
CA PRO A 286 -1.52 -12.36 11.68
C PRO A 286 -1.33 -11.00 12.36
N ARG A 287 -0.78 -10.99 13.59
CA ARG A 287 -0.65 -9.77 14.37
C ARG A 287 0.73 -9.10 14.30
N ARG A 288 0.71 -7.77 14.15
CA ARG A 288 1.96 -7.03 14.07
C ARG A 288 2.59 -6.82 15.43
N VAL A 289 3.91 -6.75 15.48
CA VAL A 289 4.63 -6.60 16.72
C VAL A 289 5.11 -5.15 16.83
N SER A 290 4.65 -4.48 17.88
CA SER A 290 4.93 -3.07 18.11
C SER A 290 6.41 -2.80 18.25
N GLY A 291 6.90 -1.77 17.57
CA GLY A 291 8.30 -1.36 17.68
C GLY A 291 9.31 -2.31 17.05
N ALA A 292 8.86 -3.25 16.23
CA ALA A 292 9.80 -4.20 15.58
C ALA A 292 10.87 -3.51 14.74
N ALA A 293 10.49 -2.47 14.00
CA ALA A 293 11.45 -1.74 13.14
C ALA A 293 11.09 -0.27 12.98
N ALA A 294 12.06 0.57 12.63
CA ALA A 294 11.81 2.00 12.35
C ALA A 294 11.00 2.12 11.07
N ALA A 295 10.00 2.99 11.07
CA ALA A 295 9.24 3.27 9.85
C ALA A 295 10.02 4.18 8.93
N CYS A 296 9.57 4.34 7.69
CA CYS A 296 10.11 5.35 6.81
C CYS A 296 9.95 6.72 7.47
N ASP A 297 10.95 7.57 7.33
CA ASP A 297 10.86 8.89 7.90
C ASP A 297 10.64 9.96 6.83
N PHE A 298 9.45 10.55 6.83
CA PHE A 298 9.09 11.53 5.82
C PHE A 298 9.34 12.99 6.24
N HIS A 299 10.27 13.20 7.16
CA HIS A 299 10.64 14.52 7.63
C HIS A 299 11.92 14.96 6.95
N THR A 300 12.53 14.03 6.22
CA THR A 300 13.66 14.35 5.36
C THR A 300 13.43 13.81 3.95
N ALA A 301 13.92 14.56 2.98
CA ALA A 301 13.66 14.31 1.57
C ALA A 301 14.23 12.97 1.15
N SER A 302 13.51 12.25 0.32
CA SER A 302 14.03 11.00 -0.23
C SER A 302 13.49 10.80 -1.62
N SER A 303 13.97 9.74 -2.27
CA SER A 303 13.64 9.49 -3.64
C SER A 303 13.60 7.97 -3.85
N TRP A 304 12.47 7.47 -4.31
CA TRP A 304 12.31 6.04 -4.59
C TRP A 304 12.33 5.82 -6.10
N GLU A 305 13.34 5.13 -6.59
CA GLU A 305 13.54 5.01 -8.03
C GLU A 305 13.09 3.64 -8.51
N PHE A 306 12.50 3.63 -9.71
CA PHE A 306 12.18 2.40 -10.41
C PHE A 306 12.83 2.40 -11.78
N GLU A 307 13.24 1.23 -12.24
CA GLU A 307 13.80 1.10 -13.57
C GLU A 307 13.60 -0.35 -14.01
N PRO A 308 13.47 -0.58 -15.33
CA PRO A 308 13.38 -1.96 -15.80
C PRO A 308 14.72 -2.69 -15.59
N LEU A 309 14.62 -4.01 -15.36
CA LEU A 309 15.77 -4.88 -15.25
C LEU A 309 16.36 -5.08 -16.64
N ASP A 310 17.68 -5.11 -16.75
CA ASP A 310 18.28 -5.48 -18.03
C ASP A 310 18.25 -7.02 -18.21
N THR A 311 17.20 -7.51 -18.86
CA THR A 311 16.98 -8.94 -19.10
C THR A 311 18.04 -9.59 -20.02
N ASP A 312 18.67 -8.81 -20.91
CA ASP A 312 19.76 -9.35 -21.73
C ASP A 312 21.02 -9.66 -20.91
N VAL A 313 21.37 -8.76 -20.01
CA VAL A 313 22.54 -8.91 -19.16
C VAL A 313 22.23 -9.79 -17.93
N PHE A 314 21.01 -9.72 -17.42
CA PHE A 314 20.61 -10.52 -16.24
C PHE A 314 19.41 -11.44 -16.48
N PRO A 315 19.65 -12.60 -17.15
CA PRO A 315 18.51 -13.44 -17.52
C PRO A 315 18.13 -14.50 -16.48
N ALA A 316 18.68 -14.38 -15.27
CA ALA A 316 18.38 -15.31 -14.17
C ALA A 316 16.88 -15.46 -13.88
N VAL A 317 16.15 -14.38 -14.07
CA VAL A 317 14.74 -14.33 -13.73
C VAL A 317 13.92 -15.01 -14.83
N GLU A 318 14.22 -14.68 -16.08
CA GLU A 318 13.58 -15.38 -17.19
C GLU A 318 13.85 -16.88 -17.06
N LEU A 319 15.09 -17.25 -16.73
CA LEU A 319 15.45 -18.65 -16.56
C LEU A 319 14.66 -19.33 -15.45
N ALA A 320 14.42 -18.60 -14.36
CA ALA A 320 13.56 -19.10 -13.29
C ALA A 320 12.14 -19.34 -13.77
N ARG A 321 11.64 -18.42 -14.60
CA ARG A 321 10.30 -18.58 -15.15
C ARG A 321 10.24 -19.84 -16.00
N GLN A 322 11.22 -20.05 -16.88
CA GLN A 322 11.30 -21.29 -17.66
C GLN A 322 11.24 -22.53 -16.77
N ALA A 323 12.06 -22.57 -15.72
CA ALA A 323 12.14 -23.75 -14.85
C ALA A 323 10.82 -23.96 -14.09
N GLY A 324 10.20 -22.86 -13.68
CA GLY A 324 8.97 -22.91 -12.92
C GLY A 324 7.84 -23.39 -13.81
N VAL A 325 7.86 -22.95 -15.06
CA VAL A 325 6.84 -23.33 -16.04
C VAL A 325 6.95 -24.82 -16.38
N ALA A 326 8.18 -25.29 -16.62
CA ALA A 326 8.44 -26.70 -16.79
C ALA A 326 8.00 -27.50 -15.55
N GLY A 327 8.26 -26.96 -14.37
CA GLY A 327 7.75 -27.53 -13.13
C GLY A 327 8.46 -28.78 -12.68
N GLY A 328 7.88 -29.44 -11.68
CA GLY A 328 8.43 -30.69 -11.17
C GLY A 328 9.74 -30.48 -10.43
N CYS A 329 10.80 -31.16 -10.89
CA CYS A 329 12.11 -31.10 -10.23
C CYS A 329 13.00 -30.02 -10.86
N MET A 330 12.48 -29.33 -11.87
CA MET A 330 13.25 -28.34 -12.62
C MET A 330 13.70 -27.14 -11.78
N THR A 331 12.95 -26.81 -10.75
CA THR A 331 13.31 -25.72 -9.84
C THR A 331 14.38 -26.16 -8.84
N ALA A 332 14.29 -27.39 -8.36
CA ALA A 332 15.43 -28.03 -7.70
C ALA A 332 16.69 -27.93 -8.57
N VAL A 333 16.56 -28.19 -9.86
CA VAL A 333 17.72 -28.16 -10.77
C VAL A 333 18.27 -26.74 -10.88
N TYR A 334 17.36 -25.78 -11.06
CA TYR A 334 17.73 -24.38 -11.19
C TYR A 334 18.60 -23.95 -10.01
N ASN A 335 18.16 -24.30 -8.81
CA ASN A 335 18.81 -23.91 -7.59
C ASN A 335 20.11 -24.67 -7.40
N ALA A 336 20.08 -26.00 -7.52
CA ALA A 336 21.32 -26.76 -7.37
C ALA A 336 22.40 -26.32 -8.37
N ALA A 337 22.03 -26.07 -9.63
CA ALA A 337 23.02 -25.63 -10.62
C ALA A 337 23.66 -24.29 -10.22
N ASN A 338 22.85 -23.43 -9.62
CA ASN A 338 23.33 -22.19 -9.08
C ASN A 338 24.36 -22.35 -7.98
N GLU A 339 24.04 -23.15 -6.97
CA GLU A 339 24.92 -23.35 -5.80
C GLU A 339 26.30 -23.84 -6.22
N GLU A 340 26.31 -24.75 -7.19
CA GLU A 340 27.53 -25.31 -7.73
C GLU A 340 28.29 -24.29 -8.57
N ALA A 341 27.63 -23.63 -9.52
CA ALA A 341 28.29 -22.62 -10.36
C ALA A 341 28.82 -21.44 -9.51
N ALA A 342 28.02 -20.98 -8.57
CA ALA A 342 28.43 -19.91 -7.68
C ALA A 342 29.64 -20.30 -6.83
N ALA A 343 29.66 -21.54 -6.33
CA ALA A 343 30.80 -22.06 -5.57
C ALA A 343 32.06 -22.01 -6.41
N ALA A 344 31.92 -22.32 -7.71
CA ALA A 344 33.03 -22.28 -8.64
C ALA A 344 33.54 -20.87 -8.91
N PHE A 345 32.64 -19.90 -8.99
CA PHE A 345 33.05 -18.51 -9.08
C PHE A 345 33.84 -18.12 -7.82
N LEU A 346 33.33 -18.50 -6.66
CA LEU A 346 33.90 -18.09 -5.38
C LEU A 346 35.25 -18.74 -5.06
N ALA A 347 35.63 -19.72 -5.88
CA ALA A 347 36.94 -20.36 -5.82
C ALA A 347 37.85 -19.84 -6.95
N GLY A 348 37.28 -19.01 -7.83
CA GLY A 348 38.07 -18.46 -8.93
C GLY A 348 38.17 -19.34 -10.16
N ARG A 349 37.47 -20.47 -10.16
CA ARG A 349 37.45 -21.33 -11.33
C ARG A 349 36.74 -20.72 -12.55
N ILE A 350 35.72 -19.90 -12.33
CA ILE A 350 34.95 -19.28 -13.44
C ILE A 350 34.71 -17.77 -13.31
N GLY A 351 34.47 -17.13 -14.46
CA GLY A 351 34.11 -15.71 -14.50
C GLY A 351 32.71 -15.48 -13.96
N PHE A 352 32.39 -14.22 -13.65
CA PHE A 352 31.09 -13.89 -13.08
C PHE A 352 29.92 -14.22 -14.00
N PRO A 353 30.00 -13.84 -15.28
CA PRO A 353 28.80 -14.08 -16.07
C PRO A 353 28.52 -15.57 -16.29
N ALA A 354 29.50 -16.43 -16.00
CA ALA A 354 29.34 -17.87 -16.18
C ALA A 354 28.42 -18.54 -15.16
N ILE A 355 28.22 -17.91 -14.01
CA ILE A 355 27.28 -18.41 -13.01
C ILE A 355 25.88 -18.69 -13.62
N VAL A 356 25.30 -17.67 -14.26
CA VAL A 356 23.98 -17.76 -14.88
C VAL A 356 24.06 -18.45 -16.25
N GLY A 357 25.23 -18.35 -16.90
CA GLY A 357 25.48 -19.12 -18.12
C GLY A 357 25.38 -20.62 -17.89
N ILE A 358 25.96 -21.12 -16.79
CA ILE A 358 25.92 -22.54 -16.43
C ILE A 358 24.53 -23.00 -16.00
N ILE A 359 23.82 -22.20 -15.20
CA ILE A 359 22.42 -22.51 -14.89
C ILE A 359 21.67 -22.76 -16.19
N ALA A 360 21.81 -21.83 -17.14
CA ALA A 360 21.25 -21.95 -18.47
C ALA A 360 21.58 -23.29 -19.16
N ASP A 361 22.88 -23.59 -19.31
CA ASP A 361 23.32 -24.85 -19.91
C ASP A 361 22.71 -26.07 -19.20
N VAL A 362 22.78 -26.06 -17.86
CA VAL A 362 22.23 -27.18 -17.11
C VAL A 362 20.72 -27.36 -17.35
N LEU A 363 19.98 -26.25 -17.29
CA LEU A 363 18.55 -26.30 -17.48
C LEU A 363 18.18 -26.86 -18.83
N HIS A 364 18.90 -26.43 -19.85
CA HIS A 364 18.60 -26.81 -21.21
C HIS A 364 18.92 -28.28 -21.51
N ALA A 365 19.71 -28.90 -20.65
CA ALA A 365 20.05 -30.31 -20.73
C ALA A 365 19.13 -31.16 -19.84
N ALA A 366 18.25 -30.52 -19.07
CA ALA A 366 17.46 -31.23 -18.05
C ALA A 366 16.09 -31.68 -18.50
N ASP A 367 15.97 -32.20 -19.71
CA ASP A 367 14.67 -32.66 -20.19
C ASP A 367 14.07 -33.81 -19.37
N GLN A 368 14.92 -34.63 -18.75
CA GLN A 368 14.44 -35.75 -17.92
C GLN A 368 13.85 -35.32 -16.56
N TRP A 369 13.88 -34.02 -16.26
CA TRP A 369 13.61 -33.56 -14.88
C TRP A 369 12.31 -32.79 -14.61
N ALA A 370 11.45 -32.67 -15.62
CA ALA A 370 10.14 -32.05 -15.44
C ALA A 370 9.10 -33.00 -14.85
N VAL A 371 9.57 -33.98 -14.08
CA VAL A 371 8.69 -34.98 -13.46
C VAL A 371 8.41 -34.53 -12.02
N GLU A 372 7.18 -34.71 -11.57
CA GLU A 372 6.84 -34.37 -10.18
C GLU A 372 7.57 -35.32 -9.21
N PRO A 373 8.21 -34.74 -8.17
CA PRO A 373 8.89 -35.55 -7.16
C PRO A 373 7.92 -36.34 -6.28
N ALA A 374 8.10 -37.66 -6.23
CA ALA A 374 7.31 -38.52 -5.36
C ALA A 374 7.84 -38.50 -3.91
N THR A 375 9.16 -38.48 -3.76
CA THR A 375 9.79 -38.41 -2.44
C THR A 375 10.97 -37.44 -2.41
N VAL A 376 11.48 -37.18 -1.21
CA VAL A 376 12.73 -36.47 -0.99
C VAL A 376 13.86 -36.94 -1.92
N ASP A 377 13.95 -38.27 -2.09
CA ASP A 377 15.03 -38.90 -2.85
C ASP A 377 15.04 -38.42 -4.30
N ASP A 378 13.86 -38.26 -4.88
CA ASP A 378 13.72 -37.68 -6.21
C ASP A 378 14.31 -36.26 -6.29
N VAL A 379 14.02 -35.45 -5.26
CA VAL A 379 14.53 -34.09 -5.17
C VAL A 379 16.03 -34.15 -4.98
N LEU A 380 16.45 -35.02 -4.07
CA LEU A 380 17.89 -35.22 -3.86
C LEU A 380 18.58 -35.67 -5.15
N ASP A 381 17.93 -36.53 -5.93
CA ASP A 381 18.50 -37.00 -7.21
C ASP A 381 18.62 -35.86 -8.20
N ALA A 382 17.56 -35.07 -8.32
CA ALA A 382 17.60 -33.91 -9.23
C ALA A 382 18.81 -33.00 -8.92
N GLN A 383 19.07 -32.79 -7.64
CA GLN A 383 20.14 -31.91 -7.19
C GLN A 383 21.53 -32.43 -7.52
N ARG A 384 21.74 -33.73 -7.26
CA ARG A 384 22.98 -34.40 -7.58
C ARG A 384 23.28 -34.32 -9.07
N TRP A 385 22.27 -34.64 -9.89
CA TRP A 385 22.40 -34.55 -11.34
C TRP A 385 22.80 -33.14 -11.77
N ALA A 386 22.17 -32.13 -11.16
CA ALA A 386 22.42 -30.73 -11.50
C ALA A 386 23.85 -30.33 -11.09
N ARG A 387 24.25 -30.67 -9.87
CA ARG A 387 25.61 -30.42 -9.42
C ARG A 387 26.65 -30.96 -10.39
N GLU A 388 26.51 -32.23 -10.76
CA GLU A 388 27.52 -32.90 -11.60
C GLU A 388 27.58 -32.35 -13.02
N ARG A 389 26.42 -32.03 -13.58
CA ARG A 389 26.35 -31.41 -14.89
C ARG A 389 26.96 -29.99 -14.87
N ALA A 390 26.85 -29.32 -13.72
CA ALA A 390 27.48 -28.03 -13.50
C ALA A 390 29.02 -28.14 -13.42
N GLN A 391 29.50 -29.09 -12.63
CA GLN A 391 30.94 -29.41 -12.51
C GLN A 391 31.54 -29.67 -13.88
N ARG A 392 30.84 -30.48 -14.68
CA ARG A 392 31.20 -30.74 -16.06
C ARG A 392 31.35 -29.45 -16.86
N ALA A 393 30.36 -28.57 -16.80
CA ALA A 393 30.43 -27.28 -17.50
C ALA A 393 31.62 -26.43 -17.02
N VAL A 394 31.81 -26.38 -15.70
CA VAL A 394 32.97 -25.72 -15.10
C VAL A 394 34.25 -26.22 -15.76
N SER A 395 34.42 -27.54 -15.79
CA SER A 395 35.59 -28.22 -16.37
C SER A 395 35.69 -28.06 -17.88
N GLY A 396 34.97 -27.08 -18.43
CA GLY A 396 35.12 -26.69 -19.83
C GLY A 396 35.27 -25.17 -19.95
N MET A 397 34.71 -24.46 -18.97
CA MET A 397 34.78 -23.00 -18.89
C MET A 397 35.81 -22.59 -17.84
N GLY B 19 -26.49 -9.65 -8.30
CA GLY B 19 -25.85 -8.72 -7.32
C GLY B 19 -25.68 -7.36 -7.97
N ARG B 20 -26.74 -6.86 -8.59
CA ARG B 20 -26.66 -5.58 -9.29
C ARG B 20 -26.96 -4.38 -8.37
N LEU B 21 -25.94 -3.59 -8.06
CA LEU B 21 -26.14 -2.47 -7.14
C LEU B 21 -26.89 -1.31 -7.77
N ARG B 22 -27.91 -0.86 -7.07
CA ARG B 22 -28.71 0.30 -7.49
C ARG B 22 -28.05 1.59 -6.98
N VAL B 23 -27.81 2.55 -7.87
CA VAL B 23 -27.01 3.73 -7.56
C VAL B 23 -27.79 4.99 -7.87
N VAL B 24 -27.86 5.88 -6.88
CA VAL B 24 -28.41 7.20 -7.09
C VAL B 24 -27.22 8.14 -7.21
N VAL B 25 -27.18 8.87 -8.32
CA VAL B 25 -26.08 9.82 -8.56
C VAL B 25 -26.56 11.26 -8.37
N LEU B 26 -26.14 11.91 -7.30
CA LEU B 26 -26.49 13.29 -7.03
C LEU B 26 -25.35 14.19 -7.51
N GLY B 27 -25.69 15.27 -8.20
CA GLY B 27 -24.67 16.18 -8.77
C GLY B 27 -24.15 15.49 -10.01
N SER B 28 -25.07 15.11 -10.90
CA SER B 28 -24.76 14.11 -11.92
C SER B 28 -24.07 14.71 -13.13
N THR B 29 -24.07 16.04 -13.22
CA THR B 29 -23.66 16.72 -14.46
C THR B 29 -22.24 17.29 -14.42
N GLY B 30 -21.61 17.30 -13.25
CA GLY B 30 -20.24 17.74 -13.16
C GLY B 30 -19.31 16.59 -13.55
N SER B 31 -18.04 16.75 -13.21
CA SER B 31 -17.02 15.79 -13.58
C SER B 31 -17.15 14.41 -12.89
N ILE B 32 -17.39 14.39 -11.59
CA ILE B 32 -17.54 13.15 -10.83
C ILE B 32 -18.75 12.33 -11.28
N GLY B 33 -19.89 13.02 -11.42
CA GLY B 33 -21.12 12.42 -11.91
C GLY B 33 -20.95 11.87 -13.31
N THR B 34 -20.40 12.67 -14.20
CA THR B 34 -20.25 12.18 -15.57
C THR B 34 -19.31 10.97 -15.63
N GLN B 35 -18.22 11.00 -14.87
CA GLN B 35 -17.31 9.85 -14.76
C GLN B 35 -17.95 8.61 -14.09
N ALA B 36 -18.71 8.81 -13.01
CA ALA B 36 -19.44 7.70 -12.38
C ALA B 36 -20.33 7.00 -13.41
N LEU B 37 -21.07 7.79 -14.20
CA LEU B 37 -22.00 7.24 -15.17
C LEU B 37 -21.29 6.41 -16.24
N GLN B 38 -20.10 6.85 -16.62
CA GLN B 38 -19.28 6.09 -17.57
C GLN B 38 -18.85 4.76 -16.99
N VAL B 39 -18.52 4.72 -15.69
CA VAL B 39 -18.16 3.47 -15.03
C VAL B 39 -19.35 2.50 -15.04
N ILE B 40 -20.51 3.05 -14.71
CA ILE B 40 -21.75 2.32 -14.65
C ILE B 40 -22.14 1.79 -16.02
N ALA B 41 -22.06 2.63 -17.05
CA ALA B 41 -22.32 2.21 -18.45
C ALA B 41 -21.37 1.11 -18.95
N ASP B 42 -20.13 1.11 -18.45
CA ASP B 42 -19.15 0.07 -18.80
C ASP B 42 -19.37 -1.20 -17.98
N ASN B 43 -20.14 -1.10 -16.89
CA ASN B 43 -20.30 -2.23 -15.98
C ASN B 43 -21.76 -2.57 -15.63
N PRO B 44 -22.62 -2.78 -16.65
CA PRO B 44 -24.06 -2.87 -16.41
C PRO B 44 -24.48 -4.05 -15.54
N ASP B 45 -23.67 -5.09 -15.46
CA ASP B 45 -23.98 -6.25 -14.63
C ASP B 45 -23.65 -6.02 -13.15
N ARG B 46 -23.00 -4.89 -12.87
CA ARG B 46 -22.60 -4.59 -11.49
C ARG B 46 -23.37 -3.39 -10.90
N PHE B 47 -23.77 -2.50 -11.79
CA PHE B 47 -24.38 -1.25 -11.37
C PHE B 47 -25.60 -0.95 -12.21
N GLU B 48 -26.60 -0.35 -11.59
CA GLU B 48 -27.79 0.14 -12.23
C GLU B 48 -28.04 1.56 -11.72
N VAL B 49 -28.17 2.52 -12.64
CA VAL B 49 -28.55 3.88 -12.24
C VAL B 49 -30.04 3.86 -11.96
N VAL B 50 -30.44 4.30 -10.77
CA VAL B 50 -31.84 4.37 -10.42
C VAL B 50 -32.33 5.81 -10.06
N GLY B 51 -31.41 6.78 -10.06
CA GLY B 51 -31.78 8.18 -9.78
C GLY B 51 -30.70 9.14 -10.19
N LEU B 52 -31.08 10.34 -10.60
CA LEU B 52 -30.14 11.41 -10.94
C LEU B 52 -30.65 12.72 -10.36
N ALA B 53 -29.75 13.60 -9.94
CA ALA B 53 -30.12 14.94 -9.52
C ALA B 53 -29.04 15.95 -9.84
N ALA B 54 -29.45 17.16 -10.20
CA ALA B 54 -28.54 18.25 -10.49
C ALA B 54 -29.31 19.55 -10.37
N GLY B 55 -28.60 20.62 -10.09
CA GLY B 55 -29.18 21.91 -9.89
C GLY B 55 -29.76 22.40 -11.17
N GLY B 56 -30.70 23.34 -11.06
CA GLY B 56 -31.43 23.82 -12.22
C GLY B 56 -30.59 24.54 -13.25
N ALA B 57 -29.45 25.10 -12.87
CA ALA B 57 -28.51 25.68 -13.85
C ALA B 57 -28.03 24.63 -14.88
N HIS B 58 -28.13 23.35 -14.51
CA HIS B 58 -27.67 22.25 -15.37
C HIS B 58 -28.79 21.37 -15.91
N LEU B 59 -30.00 21.90 -15.94
CA LEU B 59 -31.15 21.16 -16.48
C LEU B 59 -30.93 20.50 -17.86
N ASP B 60 -30.45 21.27 -18.84
CA ASP B 60 -30.30 20.73 -20.21
C ASP B 60 -29.46 19.46 -20.23
N THR B 61 -28.34 19.48 -19.49
CA THR B 61 -27.44 18.34 -19.38
C THR B 61 -28.13 17.18 -18.64
N LEU B 62 -28.78 17.49 -17.52
CA LEU B 62 -29.56 16.50 -16.79
C LEU B 62 -30.57 15.80 -17.70
N LEU B 63 -31.27 16.60 -18.52
CA LEU B 63 -32.20 16.12 -19.56
C LEU B 63 -31.59 15.17 -20.59
N ARG B 64 -30.37 15.45 -21.05
CA ARG B 64 -29.63 14.48 -21.91
C ARG B 64 -29.33 13.19 -21.17
N GLN B 65 -28.99 13.30 -19.87
CA GLN B 65 -28.69 12.09 -19.11
C GLN B 65 -29.91 11.21 -18.95
N ARG B 66 -31.08 11.81 -18.77
CA ARG B 66 -32.34 11.04 -18.75
C ARG B 66 -32.50 10.24 -20.06
N ALA B 67 -32.36 10.96 -21.17
CA ALA B 67 -32.46 10.36 -22.51
C ALA B 67 -31.44 9.23 -22.69
N GLN B 68 -30.21 9.46 -22.24
CA GLN B 68 -29.11 8.52 -22.47
C GLN B 68 -29.17 7.27 -21.61
N THR B 69 -29.62 7.43 -20.36
CA THR B 69 -29.65 6.33 -19.41
C THR B 69 -31.02 5.67 -19.38
N GLY B 70 -32.03 6.37 -19.88
CA GLY B 70 -33.41 5.91 -19.74
C GLY B 70 -33.98 6.06 -18.32
N VAL B 71 -33.26 6.78 -17.45
CA VAL B 71 -33.72 6.99 -16.07
C VAL B 71 -34.64 8.21 -16.00
N THR B 72 -35.89 7.96 -15.60
CA THR B 72 -36.92 9.00 -15.49
C THR B 72 -37.06 9.51 -14.05
N ASN B 73 -36.54 8.75 -13.08
CA ASN B 73 -36.45 9.20 -11.69
C ASN B 73 -35.33 10.24 -11.48
N ILE B 74 -35.63 11.49 -11.86
CA ILE B 74 -34.64 12.56 -11.83
C ILE B 74 -35.17 13.73 -11.01
N ALA B 75 -34.25 14.53 -10.45
CA ALA B 75 -34.60 15.67 -9.63
C ALA B 75 -33.80 16.91 -10.01
N VAL B 76 -34.47 18.06 -10.10
CA VAL B 76 -33.78 19.37 -10.10
C VAL B 76 -33.53 19.74 -8.63
N ALA B 77 -32.26 19.73 -8.23
CA ALA B 77 -31.84 19.84 -6.84
C ALA B 77 -32.02 21.22 -6.18
N ASP B 78 -32.43 22.22 -6.95
CA ASP B 78 -32.77 23.53 -6.35
C ASP B 78 -34.08 24.10 -6.93
N GLU B 79 -34.37 25.37 -6.63
CA GLU B 79 -35.62 26.07 -7.06
C GLU B 79 -35.50 26.67 -8.44
N HIS B 80 -34.31 26.60 -9.03
CA HIS B 80 -33.99 27.26 -10.29
C HIS B 80 -34.52 26.52 -11.51
N ALA B 81 -34.44 27.19 -12.67
CA ALA B 81 -35.17 26.82 -13.89
C ALA B 81 -36.64 26.40 -13.66
N ALA B 82 -37.29 27.06 -12.71
CA ALA B 82 -38.65 26.68 -12.28
C ALA B 82 -39.69 26.65 -13.40
N GLN B 83 -39.54 27.53 -14.36
CA GLN B 83 -40.53 27.64 -15.43
C GLN B 83 -40.28 26.62 -16.54
N ARG B 84 -39.22 25.83 -16.40
CA ARG B 84 -38.84 24.83 -17.40
C ARG B 84 -38.91 23.41 -16.86
N VAL B 85 -39.21 23.27 -15.56
CA VAL B 85 -39.26 21.94 -14.95
C VAL B 85 -40.68 21.39 -14.93
N GLY B 86 -41.38 21.54 -16.05
CA GLY B 86 -42.76 21.10 -16.11
C GLY B 86 -42.93 19.68 -15.58
N ASP B 87 -42.26 18.74 -16.23
CA ASP B 87 -42.51 17.32 -16.08
C ASP B 87 -41.62 16.54 -15.11
N ILE B 88 -40.72 17.21 -14.41
CA ILE B 88 -39.72 16.56 -13.54
C ILE B 88 -40.35 16.12 -12.20
N PRO B 89 -40.12 14.85 -11.78
CA PRO B 89 -40.80 14.33 -10.57
C PRO B 89 -40.44 15.02 -9.24
N TYR B 90 -39.20 15.53 -9.13
CA TYR B 90 -38.78 16.29 -7.96
C TYR B 90 -38.03 17.55 -8.43
N HIS B 91 -38.41 18.71 -7.89
CA HIS B 91 -37.72 19.97 -8.16
C HIS B 91 -38.06 20.95 -7.07
N GLY B 92 -37.12 21.84 -6.74
CA GLY B 92 -37.28 22.79 -5.65
C GLY B 92 -36.16 22.65 -4.66
N SER B 93 -36.18 23.49 -3.63
CA SER B 93 -35.20 23.44 -2.54
C SER B 93 -35.25 22.06 -1.87
N ASP B 94 -34.09 21.46 -1.66
CA ASP B 94 -34.05 20.13 -1.02
C ASP B 94 -34.77 19.00 -1.78
N ALA B 95 -34.95 19.15 -3.09
CA ALA B 95 -35.55 18.11 -3.90
C ALA B 95 -34.70 16.84 -4.00
N ALA B 96 -33.38 17.01 -4.00
CA ALA B 96 -32.47 15.86 -4.01
C ALA B 96 -32.63 15.03 -2.75
N THR B 97 -32.94 15.65 -1.63
CA THR B 97 -33.21 14.94 -0.38
C THR B 97 -34.42 14.03 -0.54
N ARG B 98 -35.47 14.59 -1.13
CA ARG B 98 -36.71 13.87 -1.34
C ARG B 98 -36.51 12.70 -2.29
N LEU B 99 -35.72 12.93 -3.35
CA LEU B 99 -35.38 11.82 -4.24
C LEU B 99 -34.73 10.69 -3.45
N VAL B 100 -33.73 11.05 -2.62
CA VAL B 100 -33.00 10.06 -1.82
C VAL B 100 -33.92 9.33 -0.83
N GLU B 101 -34.81 10.07 -0.18
CA GLU B 101 -35.74 9.45 0.78
C GLU B 101 -36.63 8.41 0.14
N GLN B 102 -37.04 8.67 -1.10
CA GLN B 102 -38.09 7.93 -1.77
C GLN B 102 -37.62 6.85 -2.73
N THR B 103 -36.31 6.73 -2.92
CA THR B 103 -35.77 5.83 -3.93
C THR B 103 -35.03 4.66 -3.26
N GLU B 104 -35.43 3.43 -3.55
CA GLU B 104 -34.69 2.25 -3.04
C GLU B 104 -33.35 2.19 -3.76
N ALA B 105 -32.28 2.15 -2.98
CA ALA B 105 -30.95 2.13 -3.52
C ALA B 105 -29.99 1.45 -2.57
N ASP B 106 -28.88 0.97 -3.13
CA ASP B 106 -27.80 0.38 -2.38
C ASP B 106 -26.67 1.38 -2.17
N VAL B 107 -26.54 2.34 -3.07
CA VAL B 107 -25.44 3.31 -3.01
C VAL B 107 -25.93 4.69 -3.43
N VAL B 108 -25.67 5.70 -2.61
CA VAL B 108 -25.91 7.07 -3.04
C VAL B 108 -24.57 7.75 -3.30
N LEU B 109 -24.35 8.21 -4.52
CA LEU B 109 -23.14 8.96 -4.81
C LEU B 109 -23.44 10.46 -4.71
N ASN B 110 -22.90 11.10 -3.72
CA ASN B 110 -23.21 12.50 -3.51
C ASN B 110 -22.08 13.34 -4.05
N ALA B 111 -22.28 13.87 -5.25
CA ALA B 111 -21.34 14.75 -5.88
C ALA B 111 -21.91 16.18 -6.03
N LEU B 112 -22.87 16.54 -5.18
CA LEU B 112 -23.38 17.89 -5.12
C LEU B 112 -22.31 18.78 -4.50
N VAL B 113 -22.31 20.04 -4.87
CA VAL B 113 -21.24 20.96 -4.45
C VAL B 113 -21.75 21.89 -3.37
N GLY B 114 -20.98 22.07 -2.30
CA GLY B 114 -21.33 23.03 -1.27
C GLY B 114 -22.48 22.68 -0.33
N ALA B 115 -23.12 23.72 0.17
CA ALA B 115 -24.20 23.62 1.16
C ALA B 115 -25.29 22.62 0.72
N LEU B 116 -25.56 22.62 -0.60
CA LEU B 116 -26.54 21.76 -1.23
C LEU B 116 -26.35 20.27 -0.91
N GLY B 117 -25.12 19.88 -0.60
CA GLY B 117 -24.79 18.47 -0.40
C GLY B 117 -25.19 17.89 0.93
N LEU B 118 -25.42 18.75 1.93
CA LEU B 118 -25.48 18.30 3.32
C LEU B 118 -26.74 17.53 3.69
N ARG B 119 -27.91 18.10 3.46
CA ARG B 119 -29.16 17.39 3.83
C ARG B 119 -29.30 16.08 3.06
N PRO B 120 -28.94 16.08 1.75
CA PRO B 120 -29.00 14.78 1.02
C PRO B 120 -28.07 13.70 1.56
N THR B 121 -26.88 14.09 2.00
CA THR B 121 -26.00 13.19 2.75
C THR B 121 -26.73 12.58 3.98
N LEU B 122 -27.34 13.44 4.80
CA LEU B 122 -28.04 12.99 6.00
C LEU B 122 -29.19 12.06 5.63
N ALA B 123 -29.91 12.36 4.55
CA ALA B 123 -31.04 11.51 4.18
C ALA B 123 -30.55 10.15 3.67
N ALA B 124 -29.41 10.18 2.97
CA ALA B 124 -28.80 8.98 2.44
C ALA B 124 -28.41 8.02 3.56
N LEU B 125 -27.70 8.53 4.55
CA LEU B 125 -27.31 7.74 5.70
C LEU B 125 -28.52 7.12 6.42
N LYS B 126 -29.57 7.91 6.61
CA LYS B 126 -30.83 7.45 7.19
C LYS B 126 -31.45 6.24 6.43
N THR B 127 -31.34 6.20 5.09
CA THR B 127 -31.90 5.05 4.37
C THR B 127 -31.15 3.74 4.63
N GLY B 128 -29.93 3.82 5.15
CA GLY B 128 -29.14 2.60 5.33
C GLY B 128 -28.26 2.28 4.15
N ALA B 129 -28.45 2.97 3.02
CA ALA B 129 -27.57 2.80 1.83
C ALA B 129 -26.09 3.13 2.10
N ARG B 130 -25.20 2.58 1.30
CA ARG B 130 -23.82 3.06 1.31
C ARG B 130 -23.79 4.46 0.70
N LEU B 131 -22.99 5.35 1.28
CA LEU B 131 -22.84 6.70 0.79
C LEU B 131 -21.45 6.88 0.17
N ALA B 132 -21.41 7.03 -1.14
CA ALA B 132 -20.18 7.32 -1.81
C ALA B 132 -20.09 8.85 -1.82
N LEU B 133 -19.18 9.36 -1.01
CA LEU B 133 -19.18 10.77 -0.63
C LEU B 133 -18.11 11.58 -1.35
N ALA B 134 -18.54 12.55 -2.14
CA ALA B 134 -17.61 13.47 -2.81
C ALA B 134 -17.75 14.90 -2.27
N ASN B 135 -18.92 15.19 -1.70
CA ASN B 135 -19.26 16.51 -1.17
C ASN B 135 -18.42 16.88 0.08
N LYS B 136 -17.51 17.83 -0.08
CA LYS B 136 -16.63 18.31 0.98
C LYS B 136 -17.37 18.93 2.18
N GLU B 137 -18.41 19.71 1.89
CA GLU B 137 -19.31 20.31 2.90
C GLU B 137 -19.78 19.32 3.98
N SER B 138 -20.22 18.15 3.54
CA SER B 138 -20.77 17.13 4.42
C SER B 138 -19.85 16.86 5.62
N LEU B 139 -18.56 16.65 5.38
CA LEU B 139 -17.61 16.37 6.46
C LEU B 139 -16.99 17.60 7.09
N VAL B 140 -16.55 18.55 6.27
CA VAL B 140 -15.88 19.73 6.78
C VAL B 140 -16.79 20.64 7.62
N ALA B 141 -18.00 20.85 7.14
CA ALA B 141 -18.91 21.72 7.86
C ALA B 141 -19.88 20.93 8.75
N GLY B 142 -20.47 19.86 8.23
CA GLY B 142 -21.51 19.16 8.93
C GLY B 142 -21.05 17.86 9.53
N GLY B 143 -19.73 17.76 9.70
CA GLY B 143 -19.08 16.52 10.12
C GLY B 143 -19.67 15.75 11.29
N SER B 144 -19.89 16.42 12.41
CA SER B 144 -20.50 15.75 13.56
C SER B 144 -21.94 15.28 13.32
N LEU B 145 -22.76 16.11 12.67
CA LEU B 145 -24.09 15.69 12.19
C LEU B 145 -24.00 14.44 11.31
N VAL B 146 -23.04 14.44 10.38
CA VAL B 146 -22.90 13.31 9.45
C VAL B 146 -22.45 12.02 10.13
N LEU B 147 -21.43 12.14 10.99
CA LEU B 147 -20.92 11.00 11.75
C LEU B 147 -21.94 10.43 12.71
N ARG B 148 -22.72 11.28 13.35
CA ARG B 148 -23.78 10.80 14.25
C ARG B 148 -24.78 9.93 13.50
N ALA B 149 -24.98 10.26 12.23
CA ALA B 149 -26.03 9.63 11.42
C ALA B 149 -25.62 8.31 10.78
N ALA B 150 -24.33 7.99 10.85
CA ALA B 150 -23.76 6.92 10.05
C ALA B 150 -23.48 5.66 10.86
N ARG B 151 -23.53 4.52 10.19
CA ARG B 151 -23.02 3.27 10.71
C ARG B 151 -21.52 3.14 10.40
N PRO B 152 -20.78 2.36 11.21
CA PRO B 152 -19.37 2.13 10.82
C PRO B 152 -19.28 1.52 9.41
N GLY B 153 -18.44 2.13 8.57
CA GLY B 153 -18.23 1.68 7.19
C GLY B 153 -19.27 2.13 6.18
N GLN B 154 -20.30 2.82 6.62
CA GLN B 154 -21.36 3.29 5.73
C GLN B 154 -20.88 4.31 4.70
N ILE B 155 -19.97 5.20 5.11
CA ILE B 155 -19.39 6.21 4.21
C ILE B 155 -18.12 5.70 3.53
N VAL B 156 -18.04 5.89 2.23
CA VAL B 156 -16.84 5.54 1.48
C VAL B 156 -16.39 6.77 0.67
N PRO B 157 -15.17 7.25 0.93
CA PRO B 157 -14.73 8.48 0.26
C PRO B 157 -14.47 8.28 -1.21
N VAL B 158 -14.64 9.35 -1.97
CA VAL B 158 -14.48 9.32 -3.41
C VAL B 158 -13.17 10.01 -3.84
N ASP B 159 -12.64 10.94 -3.06
CA ASP B 159 -11.38 11.54 -3.49
C ASP B 159 -10.19 10.56 -3.35
N SER B 160 -9.20 10.79 -4.21
CA SER B 160 -7.93 10.07 -4.28
C SER B 160 -7.33 9.71 -2.94
N GLU B 161 -7.09 10.72 -2.13
CA GLU B 161 -6.34 10.55 -0.91
C GLU B 161 -7.06 9.66 0.09
N HIS B 162 -8.32 9.96 0.36
CA HIS B 162 -9.06 9.21 1.37
C HIS B 162 -9.32 7.80 0.90
N SER B 163 -9.44 7.66 -0.41
CA SER B 163 -9.63 6.37 -1.03
C SER B 163 -8.34 5.53 -0.84
N ALA B 164 -7.18 6.16 -1.10
CA ALA B 164 -5.87 5.54 -0.80
C ALA B 164 -5.84 5.07 0.64
N LEU B 165 -6.19 5.96 1.55
CA LEU B 165 -6.13 5.64 2.98
C LEU B 165 -7.07 4.48 3.33
N ALA B 166 -8.26 4.44 2.76
CA ALA B 166 -9.18 3.31 3.03
C ALA B 166 -8.57 1.99 2.55
N GLN B 167 -7.90 2.02 1.40
CA GLN B 167 -7.27 0.81 0.85
C GLN B 167 -6.10 0.34 1.72
N CYS B 168 -5.31 1.31 2.19
CA CYS B 168 -4.12 1.04 3.02
C CYS B 168 -4.45 0.54 4.43
N LEU B 169 -5.57 0.99 5.01
CA LEU B 169 -6.01 0.52 6.33
C LEU B 169 -6.43 -0.95 6.33
N ARG B 170 -6.50 -1.57 5.16
CA ARG B 170 -6.73 -3.00 5.05
C ARG B 170 -5.52 -3.79 5.54
N GLY B 171 -4.40 -3.09 5.76
CA GLY B 171 -3.16 -3.73 6.15
C GLY B 171 -2.97 -4.02 7.63
N GLY B 172 -4.01 -3.75 8.42
CA GLY B 172 -3.98 -4.07 9.85
C GLY B 172 -5.33 -3.88 10.51
N THR B 173 -5.40 -4.21 11.81
CA THR B 173 -6.54 -3.88 12.66
C THR B 173 -6.33 -2.45 13.21
N PRO B 174 -7.41 -1.78 13.64
CA PRO B 174 -7.31 -0.39 14.12
C PRO B 174 -6.24 -0.11 15.19
N ASP B 175 -6.00 -1.03 16.12
CA ASP B 175 -4.96 -0.80 17.16
C ASP B 175 -3.52 -0.91 16.64
N GLU B 176 -3.37 -1.32 15.37
CA GLU B 176 -2.05 -1.43 14.72
C GLU B 176 -1.67 -0.19 13.89
N VAL B 177 -2.53 0.82 13.86
CA VAL B 177 -2.28 2.04 13.10
C VAL B 177 -1.47 3.05 13.90
N ALA B 178 -0.27 3.37 13.43
CA ALA B 178 0.52 4.39 14.08
C ALA B 178 0.24 5.79 13.51
N LYS B 179 0.23 5.91 12.18
CA LYS B 179 0.14 7.21 11.51
C LYS B 179 -0.56 7.04 10.19
N LEU B 180 -1.35 8.05 9.82
CA LEU B 180 -1.84 8.18 8.46
C LEU B 180 -1.08 9.33 7.84
N VAL B 181 -0.71 9.16 6.58
CA VAL B 181 0.13 10.11 5.88
C VAL B 181 -0.58 10.48 4.58
N LEU B 182 -1.07 11.73 4.49
CA LEU B 182 -1.60 12.24 3.25
C LEU B 182 -0.46 12.78 2.40
N THR B 183 -0.52 12.56 1.09
CA THR B 183 0.44 13.18 0.20
C THR B 183 -0.11 14.47 -0.40
N ALA B 184 0.78 15.34 -0.87
CA ALA B 184 0.40 16.63 -1.40
C ALA B 184 1.36 17.02 -2.52
N SER B 185 0.83 17.51 -3.64
CA SER B 185 1.68 18.00 -4.73
C SER B 185 2.57 19.13 -4.23
N GLY B 186 2.02 19.90 -3.27
CA GLY B 186 2.67 21.06 -2.70
C GLY B 186 2.19 22.33 -3.37
N GLY B 187 1.44 22.16 -4.45
CA GLY B 187 0.93 23.29 -5.21
C GLY B 187 2.02 24.07 -5.93
N PRO B 188 1.62 25.11 -6.68
CA PRO B 188 2.53 25.93 -7.50
C PRO B 188 3.60 26.65 -6.70
N PHE B 189 3.36 26.81 -5.40
CA PHE B 189 4.26 27.56 -4.54
C PHE B 189 5.16 26.71 -3.69
N ARG B 190 5.21 25.41 -4.01
CA ARG B 190 6.16 24.52 -3.36
C ARG B 190 7.55 25.11 -3.46
N GLY B 191 8.26 25.16 -2.34
CA GLY B 191 9.64 25.64 -2.32
C GLY B 191 9.77 27.16 -2.19
N TRP B 192 8.64 27.88 -2.26
CA TRP B 192 8.71 29.34 -2.12
C TRP B 192 8.90 29.77 -0.65
N SER B 193 9.63 30.86 -0.47
CA SER B 193 9.81 31.45 0.85
C SER B 193 8.66 32.40 1.18
N ALA B 194 8.53 32.73 2.46
CA ALA B 194 7.54 33.68 2.95
C ALA B 194 7.62 35.02 2.21
N ALA B 195 8.83 35.55 2.09
CA ALA B 195 9.04 36.84 1.43
C ALA B 195 8.67 36.80 -0.03
N ASP B 196 8.93 35.67 -0.70
CA ASP B 196 8.58 35.52 -2.12
C ASP B 196 7.06 35.56 -2.36
N LEU B 197 6.28 35.08 -1.38
CA LEU B 197 4.83 34.93 -1.52
C LEU B 197 4.04 36.18 -1.10
N GLU B 198 4.72 37.13 -0.49
CA GLU B 198 4.06 38.37 -0.08
C GLU B 198 3.19 39.01 -1.17
N HIS B 199 3.72 39.16 -2.38
CA HIS B 199 2.98 39.89 -3.42
C HIS B 199 2.60 39.07 -4.64
N VAL B 200 2.50 37.75 -4.50
CA VAL B 200 2.00 36.92 -5.61
C VAL B 200 0.55 37.32 -5.94
N THR B 201 0.19 37.17 -7.21
CA THR B 201 -1.16 37.45 -7.67
C THR B 201 -1.98 36.16 -7.77
N PRO B 202 -3.33 36.29 -7.83
CA PRO B 202 -4.21 35.15 -8.08
C PRO B 202 -3.81 34.32 -9.31
N GLU B 203 -3.33 35.01 -10.37
CA GLU B 203 -2.97 34.34 -11.62
C GLU B 203 -1.71 33.48 -11.47
N GLN B 204 -0.78 33.91 -10.62
CA GLN B 204 0.41 33.16 -10.25
C GLN B 204 0.10 31.94 -9.39
N ALA B 205 -0.97 32.01 -8.59
CA ALA B 205 -1.49 30.82 -7.91
C ALA B 205 -2.18 29.88 -8.92
N GLY B 206 -2.40 30.38 -10.14
CA GLY B 206 -2.99 29.60 -11.24
C GLY B 206 -4.49 29.80 -11.36
N ALA B 207 -5.02 30.77 -10.62
CA ALA B 207 -6.46 31.02 -10.55
C ALA B 207 -6.89 32.11 -11.51
N HIS B 208 -7.84 31.76 -12.35
CA HIS B 208 -8.35 32.68 -13.36
C HIS B 208 -9.87 32.69 -13.30
N PRO B 209 -10.49 33.84 -13.59
CA PRO B 209 -11.95 34.01 -13.44
C PRO B 209 -12.75 32.97 -14.23
N THR B 210 -13.78 32.43 -13.55
CA THR B 210 -14.79 31.53 -14.07
C THR B 210 -15.88 31.45 -13.00
N TRP B 211 -17.13 31.39 -13.42
CA TRP B 211 -18.23 31.29 -12.47
C TRP B 211 -18.44 29.83 -12.01
N SER B 212 -17.50 29.36 -11.18
CA SER B 212 -17.55 28.02 -10.60
C SER B 212 -16.69 28.02 -9.34
N MET B 213 -16.55 26.85 -8.72
CA MET B 213 -15.68 26.66 -7.57
C MET B 213 -14.23 26.39 -8.01
N GLY B 214 -14.04 26.26 -9.33
CA GLY B 214 -12.71 26.08 -9.94
C GLY B 214 -11.60 27.01 -9.45
N PRO B 215 -11.79 28.35 -9.54
CA PRO B 215 -10.77 29.31 -9.04
C PRO B 215 -10.49 29.14 -7.54
N MET B 216 -11.54 28.90 -6.77
CA MET B 216 -11.43 28.64 -5.33
C MET B 216 -10.65 27.36 -5.02
N ASN B 217 -11.00 26.27 -5.72
CA ASN B 217 -10.29 24.99 -5.66
C ASN B 217 -8.77 25.16 -5.94
N THR B 218 -8.47 25.86 -7.03
CA THR B 218 -7.08 26.17 -7.40
C THR B 218 -6.32 26.98 -6.32
N LEU B 219 -6.97 28.03 -5.82
CA LEU B 219 -6.41 28.84 -4.75
C LEU B 219 -6.14 28.02 -3.47
N ASN B 220 -7.14 27.23 -3.03
CA ASN B 220 -6.97 26.31 -1.89
C ASN B 220 -5.79 25.37 -2.04
N SER B 221 -5.48 25.04 -3.28
CA SER B 221 -4.39 24.13 -3.54
C SER B 221 -3.06 24.89 -3.46
N ALA B 222 -3.07 26.19 -3.80
CA ALA B 222 -1.89 27.04 -3.64
C ALA B 222 -1.62 27.39 -2.17
N SER B 223 -2.68 27.62 -1.39
CA SER B 223 -2.55 28.01 0.02
C SER B 223 -2.37 26.83 0.99
N LEU B 224 -2.59 25.62 0.49
CA LEU B 224 -2.58 24.39 1.29
C LEU B 224 -3.79 24.21 2.21
N VAL B 225 -4.74 25.14 2.07
CA VAL B 225 -6.03 24.95 2.73
C VAL B 225 -6.66 23.61 2.30
N ASN B 226 -6.56 23.26 1.02
CA ASN B 226 -7.10 21.97 0.55
C ASN B 226 -6.58 20.79 1.40
N LYS B 227 -5.28 20.78 1.67
CA LYS B 227 -4.71 19.76 2.55
C LYS B 227 -5.24 19.82 3.96
N GLY B 228 -5.44 21.05 4.46
CA GLY B 228 -6.07 21.28 5.74
C GLY B 228 -7.44 20.61 5.81
N LEU B 229 -8.24 20.81 4.77
CA LEU B 229 -9.58 20.25 4.73
C LEU B 229 -9.51 18.72 4.73
N GLU B 230 -8.61 18.19 3.90
CA GLU B 230 -8.39 16.73 3.80
C GLU B 230 -7.98 16.08 5.10
N VAL B 231 -7.20 16.83 5.91
CA VAL B 231 -6.81 16.37 7.24
C VAL B 231 -8.07 16.23 8.13
N ILE B 232 -8.87 17.29 8.14
CA ILE B 232 -10.15 17.28 8.84
C ILE B 232 -10.97 16.08 8.41
N GLU B 233 -11.13 15.93 7.10
CA GLU B 233 -11.89 14.83 6.54
C GLU B 233 -11.34 13.44 6.95
N THR B 234 -10.02 13.35 6.99
CA THR B 234 -9.34 12.12 7.41
C THR B 234 -9.72 11.76 8.85
N HIS B 235 -9.70 12.75 9.74
CA HIS B 235 -10.03 12.52 11.15
C HIS B 235 -11.48 12.04 11.31
N LEU B 236 -12.39 12.66 10.55
CA LEU B 236 -13.81 12.31 10.58
C LEU B 236 -14.08 10.95 9.97
N LEU B 237 -13.48 10.66 8.81
CA LEU B 237 -13.76 9.42 8.13
C LEU B 237 -13.24 8.19 8.87
N PHE B 238 -12.06 8.31 9.46
CA PHE B 238 -11.33 7.15 9.94
C PHE B 238 -11.11 7.12 11.45
N GLY B 239 -11.55 8.16 12.16
CA GLY B 239 -11.49 8.21 13.63
C GLY B 239 -10.10 8.15 14.24
N ILE B 240 -9.16 8.81 13.59
CA ILE B 240 -7.75 8.89 13.98
C ILE B 240 -7.49 10.30 14.49
N PRO B 241 -6.77 10.42 15.64
CA PRO B 241 -6.47 11.74 16.21
C PRO B 241 -5.65 12.60 15.24
N TYR B 242 -5.91 13.91 15.29
CA TYR B 242 -5.13 14.90 14.54
C TYR B 242 -3.61 14.84 14.65
N ASP B 243 -3.09 14.41 15.80
CA ASP B 243 -1.62 14.26 15.93
C ASP B 243 -1.06 12.98 15.28
N ARG B 244 -1.92 12.14 14.73
CA ARG B 244 -1.44 10.96 14.00
C ARG B 244 -1.78 11.07 12.53
N ILE B 245 -2.14 12.28 12.11
CA ILE B 245 -2.36 12.57 10.72
C ILE B 245 -1.29 13.51 10.17
N ASP B 246 -0.42 12.95 9.33
CA ASP B 246 0.65 13.73 8.71
C ASP B 246 0.39 14.11 7.25
N VAL B 247 1.00 15.20 6.81
CA VAL B 247 1.04 15.52 5.37
C VAL B 247 2.50 15.53 4.92
N VAL B 248 2.79 14.85 3.79
CA VAL B 248 4.12 14.87 3.18
C VAL B 248 4.02 15.40 1.75
N VAL B 249 4.99 16.21 1.32
CA VAL B 249 4.99 16.66 -0.07
C VAL B 249 5.55 15.58 -1.02
N HIS B 250 4.81 15.33 -2.12
CA HIS B 250 5.12 14.29 -3.10
C HIS B 250 4.74 14.87 -4.45
N PRO B 251 5.71 15.54 -5.11
CA PRO B 251 5.42 16.31 -6.32
C PRO B 251 4.78 15.49 -7.45
N GLN B 252 5.09 14.20 -7.56
CA GLN B 252 4.57 13.37 -8.66
C GLN B 252 3.08 13.02 -8.60
N SER B 253 2.51 13.02 -7.39
CA SER B 253 1.11 12.64 -7.20
C SER B 253 0.78 11.23 -7.71
N ILE B 254 1.73 10.32 -7.53
CA ILE B 254 1.49 8.93 -7.93
C ILE B 254 1.00 8.11 -6.75
N ILE B 255 1.68 8.25 -5.61
CA ILE B 255 1.20 7.74 -4.35
C ILE B 255 0.16 8.73 -3.82
N HIS B 256 -1.02 8.21 -3.49
CA HIS B 256 -2.14 9.07 -3.09
C HIS B 256 -2.32 9.18 -1.59
N SER B 257 -1.64 8.31 -0.84
CA SER B 257 -1.58 8.37 0.64
C SER B 257 -1.02 7.06 1.13
N MET B 258 -0.68 7.01 2.41
CA MET B 258 -0.06 5.85 3.03
C MET B 258 -0.50 5.75 4.48
N VAL B 259 -0.41 4.54 5.03
CA VAL B 259 -0.63 4.29 6.46
C VAL B 259 0.62 3.62 7.03
N THR B 260 1.10 4.13 8.17
CA THR B 260 2.23 3.49 8.87
C THR B 260 1.70 2.77 10.08
N PHE B 261 2.04 1.48 10.21
CA PHE B 261 1.60 0.64 11.33
C PHE B 261 2.65 0.60 12.45
N ILE B 262 2.24 0.06 13.62
CA ILE B 262 3.03 0.08 14.85
C ILE B 262 4.34 -0.72 14.80
N ASP B 263 4.52 -1.55 13.75
CA ASP B 263 5.69 -2.38 13.64
C ASP B 263 6.75 -1.72 12.78
N GLY B 264 6.37 -0.62 12.12
CA GLY B 264 7.29 0.10 11.23
C GLY B 264 6.95 -0.03 9.75
N SER B 265 6.00 -0.90 9.43
CA SER B 265 5.59 -1.11 8.06
C SER B 265 4.67 0.00 7.56
N THR B 266 4.87 0.39 6.32
CA THR B 266 4.00 1.39 5.71
C THR B 266 3.37 0.74 4.50
N ILE B 267 2.09 0.98 4.30
CA ILE B 267 1.41 0.56 3.12
C ILE B 267 0.95 1.81 2.36
N ALA B 268 1.19 1.81 1.05
CA ALA B 268 0.89 2.94 0.19
C ALA B 268 0.05 2.48 -0.99
N GLN B 269 -0.82 3.39 -1.46
CA GLN B 269 -1.57 3.18 -2.70
C GLN B 269 -1.06 4.10 -3.79
N ALA B 270 -0.83 3.51 -4.97
CA ALA B 270 -0.27 4.25 -6.10
C ALA B 270 -1.00 3.96 -7.40
N SER B 271 -1.25 5.01 -8.18
CA SER B 271 -1.92 4.89 -9.47
C SER B 271 -1.73 6.17 -10.24
N PRO B 272 -1.63 6.09 -11.58
CA PRO B 272 -1.63 7.36 -12.34
C PRO B 272 -2.90 8.14 -11.99
N PRO B 273 -2.84 9.50 -12.02
CA PRO B 273 -4.01 10.28 -11.60
C PRO B 273 -5.20 10.02 -12.53
N ASP B 274 -6.33 9.62 -11.95
CA ASP B 274 -7.53 9.29 -12.72
C ASP B 274 -8.65 9.02 -11.74
N MET B 275 -9.64 9.92 -11.70
CA MET B 275 -10.70 9.84 -10.69
C MET B 275 -11.61 8.62 -10.85
N LYS B 276 -11.64 7.99 -12.03
CA LYS B 276 -12.44 6.79 -12.22
C LYS B 276 -12.06 5.69 -11.25
N LEU B 277 -10.77 5.63 -10.90
CA LEU B 277 -10.32 4.61 -9.96
C LEU B 277 -11.04 4.72 -8.61
N PRO B 278 -10.87 5.84 -7.85
CA PRO B 278 -11.58 5.90 -6.55
C PRO B 278 -13.11 5.93 -6.71
N ILE B 279 -13.62 6.54 -7.78
CA ILE B 279 -15.07 6.49 -8.05
C ILE B 279 -15.55 5.01 -8.12
N SER B 280 -14.96 4.24 -9.01
CA SER B 280 -15.34 2.84 -9.16
C SER B 280 -15.35 2.08 -7.81
N LEU B 281 -14.31 2.31 -7.01
CA LEU B 281 -14.15 1.69 -5.71
C LEU B 281 -15.23 2.11 -4.70
N ALA B 282 -15.59 3.39 -4.72
CA ALA B 282 -16.60 3.94 -3.82
C ALA B 282 -17.98 3.38 -4.11
N LEU B 283 -18.28 3.22 -5.40
CA LEU B 283 -19.49 2.61 -5.88
C LEU B 283 -19.56 1.11 -5.56
N GLY B 284 -18.45 0.39 -5.76
CA GLY B 284 -18.43 -1.08 -5.65
C GLY B 284 -17.98 -1.64 -4.30
N TRP B 285 -17.54 -0.77 -3.40
CA TRP B 285 -16.96 -1.17 -2.12
C TRP B 285 -17.70 -2.34 -1.45
N PRO B 286 -16.96 -3.38 -1.00
CA PRO B 286 -15.50 -3.50 -0.98
C PRO B 286 -14.86 -4.08 -2.24
N ARG B 287 -15.64 -4.29 -3.30
CA ARG B 287 -15.15 -5.00 -4.49
C ARG B 287 -14.60 -4.07 -5.55
N ARG B 288 -13.48 -4.48 -6.15
CA ARG B 288 -12.84 -3.66 -7.17
C ARG B 288 -13.52 -3.84 -8.51
N VAL B 289 -13.40 -2.83 -9.37
CA VAL B 289 -14.07 -2.84 -10.66
C VAL B 289 -13.02 -3.01 -11.73
N SER B 290 -13.03 -4.18 -12.39
CA SER B 290 -12.03 -4.52 -13.39
C SER B 290 -11.93 -3.46 -14.46
N GLY B 291 -10.71 -3.02 -14.77
CA GLY B 291 -10.51 -2.06 -15.86
C GLY B 291 -10.91 -0.61 -15.60
N ALA B 292 -11.24 -0.26 -14.35
CA ALA B 292 -11.58 1.14 -14.04
C ALA B 292 -10.58 2.19 -14.57
N ALA B 293 -9.27 1.96 -14.35
CA ALA B 293 -8.23 2.94 -14.73
C ALA B 293 -6.98 2.20 -15.09
N ALA B 294 -6.01 2.95 -15.64
CA ALA B 294 -4.70 2.39 -15.95
C ALA B 294 -3.89 2.19 -14.68
N ALA B 295 -3.14 1.09 -14.64
CA ALA B 295 -2.17 0.80 -13.60
C ALA B 295 -0.88 1.60 -13.80
N CYS B 296 -0.09 1.75 -12.74
CA CYS B 296 1.29 2.23 -12.86
C CYS B 296 2.06 1.33 -13.80
N ASP B 297 2.82 1.93 -14.71
CA ASP B 297 3.67 1.16 -15.60
C ASP B 297 5.15 1.21 -15.16
N PHE B 298 5.70 0.06 -14.80
CA PHE B 298 7.08 -0.03 -14.34
C PHE B 298 8.08 -0.41 -15.45
N HIS B 299 7.67 -0.32 -16.72
CA HIS B 299 8.52 -0.70 -17.83
C HIS B 299 9.38 0.46 -18.31
N THR B 300 8.97 1.65 -17.91
CA THR B 300 9.75 2.85 -18.15
C THR B 300 10.26 3.37 -16.80
N ALA B 301 11.48 3.91 -16.78
CA ALA B 301 12.10 4.37 -15.55
C ALA B 301 11.33 5.56 -14.96
N SER B 302 11.22 5.59 -13.64
CA SER B 302 10.50 6.65 -12.94
C SER B 302 11.10 6.91 -11.57
N SER B 303 10.66 8.01 -10.95
CA SER B 303 11.09 8.39 -9.62
C SER B 303 9.90 8.91 -8.78
N TRP B 304 9.75 8.40 -7.55
CA TRP B 304 8.75 8.94 -6.60
C TRP B 304 9.51 9.62 -5.46
N GLU B 305 9.30 10.94 -5.32
CA GLU B 305 10.05 11.74 -4.38
C GLU B 305 9.19 12.25 -3.24
N PHE B 306 9.81 12.46 -2.09
CA PHE B 306 9.12 12.96 -0.93
C PHE B 306 9.96 14.05 -0.33
N GLU B 307 9.30 15.09 0.16
CA GLU B 307 9.99 16.15 0.90
C GLU B 307 9.08 16.65 2.02
N PRO B 308 9.64 17.19 3.12
CA PRO B 308 8.69 17.60 4.16
C PRO B 308 7.97 18.90 3.79
N LEU B 309 6.76 19.05 4.32
CA LEU B 309 6.01 20.30 4.17
C LEU B 309 6.70 21.36 4.99
N ASP B 310 6.82 22.53 4.39
CA ASP B 310 7.35 23.68 5.11
C ASP B 310 6.20 24.32 5.87
N THR B 311 6.12 24.03 7.16
CA THR B 311 4.97 24.42 7.98
C THR B 311 5.00 25.88 8.47
N ASP B 312 6.15 26.53 8.33
CA ASP B 312 6.29 27.95 8.67
C ASP B 312 5.62 28.78 7.59
N VAL B 313 5.78 28.35 6.34
CA VAL B 313 5.31 29.07 5.16
C VAL B 313 3.85 28.70 4.88
N PHE B 314 3.49 27.45 5.18
CA PHE B 314 2.17 26.94 4.94
C PHE B 314 1.47 26.52 6.26
N PRO B 315 1.03 27.54 7.05
CA PRO B 315 0.43 27.22 8.33
C PRO B 315 -1.03 26.76 8.24
N ALA B 316 -1.60 26.74 7.03
CA ALA B 316 -3.02 26.35 6.84
C ALA B 316 -3.32 24.94 7.33
N VAL B 317 -2.35 24.03 7.20
CA VAL B 317 -2.56 22.63 7.60
C VAL B 317 -2.64 22.47 9.14
N GLU B 318 -1.65 23.00 9.87
CA GLU B 318 -1.70 22.99 11.33
C GLU B 318 -2.91 23.78 11.82
N LEU B 319 -3.30 24.82 11.08
CA LEU B 319 -4.44 25.59 11.50
C LEU B 319 -5.75 24.79 11.39
N ALA B 320 -5.84 23.94 10.38
CA ALA B 320 -6.96 23.01 10.28
C ALA B 320 -6.99 22.00 11.44
N ARG B 321 -5.82 21.51 11.87
CA ARG B 321 -5.78 20.65 13.06
C ARG B 321 -6.29 21.39 14.29
N GLN B 322 -5.90 22.66 14.45
CA GLN B 322 -6.33 23.40 15.64
C GLN B 322 -7.85 23.48 15.65
N ALA B 323 -8.42 23.74 14.47
CA ALA B 323 -9.85 23.87 14.29
C ALA B 323 -10.55 22.53 14.51
N GLY B 324 -9.96 21.46 13.98
CA GLY B 324 -10.47 20.10 14.19
C GLY B 324 -10.47 19.63 15.64
N VAL B 325 -9.39 19.90 16.39
CA VAL B 325 -9.31 19.49 17.80
C VAL B 325 -10.38 20.22 18.64
N ALA B 326 -10.63 21.49 18.33
CA ALA B 326 -11.68 22.28 18.99
C ALA B 326 -13.07 21.66 18.80
N GLY B 327 -13.30 21.05 17.63
CA GLY B 327 -14.53 20.29 17.39
C GLY B 327 -15.79 21.10 17.14
N GLY B 328 -16.92 20.40 17.08
CA GLY B 328 -18.20 21.06 16.91
C GLY B 328 -18.34 21.66 15.52
N CYS B 329 -18.62 22.95 15.48
CA CYS B 329 -18.79 23.67 14.22
C CYS B 329 -17.53 24.44 13.83
N MET B 330 -16.40 24.10 14.46
CA MET B 330 -15.19 24.88 14.29
C MET B 330 -14.58 24.75 12.89
N THR B 331 -14.66 23.57 12.29
CA THR B 331 -14.17 23.37 10.91
C THR B 331 -15.16 23.94 9.89
N ALA B 332 -16.44 24.04 10.25
CA ALA B 332 -17.34 24.86 9.44
C ALA B 332 -16.84 26.31 9.39
N VAL B 333 -16.34 26.81 10.52
CA VAL B 333 -15.86 28.17 10.66
C VAL B 333 -14.58 28.38 9.84
N TYR B 334 -13.66 27.43 9.97
CA TYR B 334 -12.42 27.46 9.20
C TYR B 334 -12.70 27.50 7.69
N ASN B 335 -13.57 26.64 7.22
CA ASN B 335 -13.87 26.61 5.80
C ASN B 335 -14.61 27.85 5.32
N ALA B 336 -15.63 28.30 6.07
CA ALA B 336 -16.38 29.49 5.66
C ALA B 336 -15.51 30.76 5.68
N ALA B 337 -14.61 30.88 6.64
CA ALA B 337 -13.67 31.98 6.71
C ALA B 337 -12.68 31.90 5.56
N ASN B 338 -12.24 30.68 5.26
CA ASN B 338 -11.41 30.48 4.06
C ASN B 338 -12.06 31.04 2.81
N GLU B 339 -13.27 30.60 2.54
CA GLU B 339 -13.96 31.02 1.31
C GLU B 339 -14.01 32.53 1.16
N GLU B 340 -14.27 33.22 2.27
CA GLU B 340 -14.41 34.67 2.27
C GLU B 340 -13.07 35.33 1.98
N ALA B 341 -12.02 34.94 2.72
CA ALA B 341 -10.70 35.54 2.52
C ALA B 341 -10.11 35.22 1.15
N ALA B 342 -10.26 33.97 0.72
CA ALA B 342 -9.79 33.55 -0.59
C ALA B 342 -10.48 34.33 -1.71
N ALA B 343 -11.80 34.43 -1.67
CA ALA B 343 -12.54 35.28 -2.63
C ALA B 343 -12.00 36.72 -2.69
N ALA B 344 -11.52 37.23 -1.55
CA ALA B 344 -11.00 38.58 -1.46
C ALA B 344 -9.60 38.69 -2.10
N PHE B 345 -8.79 37.65 -1.94
CA PHE B 345 -7.53 37.56 -2.66
C PHE B 345 -7.77 37.46 -4.17
N LEU B 346 -8.70 36.61 -4.58
CA LEU B 346 -9.10 36.51 -6.00
C LEU B 346 -9.49 37.85 -6.61
N ALA B 347 -10.15 38.69 -5.82
CA ALA B 347 -10.66 39.97 -6.29
C ALA B 347 -9.58 41.07 -6.21
N GLY B 348 -8.40 40.70 -5.72
CA GLY B 348 -7.30 41.63 -5.56
C GLY B 348 -7.41 42.53 -4.33
N ARG B 349 -8.31 42.19 -3.40
CA ARG B 349 -8.48 43.06 -2.21
C ARG B 349 -7.45 42.85 -1.10
N ILE B 350 -6.89 41.66 -0.98
CA ILE B 350 -5.92 41.37 0.07
C ILE B 350 -4.70 40.69 -0.54
N GLY B 351 -3.59 40.65 0.21
CA GLY B 351 -2.43 39.89 -0.21
C GLY B 351 -2.60 38.42 0.13
N PHE B 352 -1.84 37.58 -0.57
CA PHE B 352 -1.85 36.10 -0.37
C PHE B 352 -1.63 35.61 1.08
N PRO B 353 -0.64 36.16 1.82
CA PRO B 353 -0.47 35.69 3.22
C PRO B 353 -1.69 35.99 4.10
N ALA B 354 -2.47 36.99 3.70
CA ALA B 354 -3.59 37.42 4.54
C ALA B 354 -4.73 36.39 4.58
N ILE B 355 -4.78 35.46 3.62
CA ILE B 355 -5.83 34.41 3.63
C ILE B 355 -5.80 33.58 4.92
N VAL B 356 -4.65 33.00 5.25
CA VAL B 356 -4.57 32.13 6.44
C VAL B 356 -4.51 32.96 7.74
N GLY B 357 -3.94 34.16 7.64
CA GLY B 357 -4.04 35.17 8.70
C GLY B 357 -5.48 35.48 9.08
N ILE B 358 -6.32 35.80 8.11
CA ILE B 358 -7.76 35.99 8.38
C ILE B 358 -8.48 34.75 8.96
N ILE B 359 -8.19 33.56 8.46
CA ILE B 359 -8.75 32.36 9.09
C ILE B 359 -8.40 32.24 10.57
N ALA B 360 -7.13 32.45 10.91
CA ALA B 360 -6.65 32.38 12.28
C ALA B 360 -7.32 33.44 13.14
N ASP B 361 -7.36 34.71 12.65
CA ASP B 361 -8.11 35.75 13.38
C ASP B 361 -9.56 35.35 13.64
N VAL B 362 -10.22 34.71 12.68
CA VAL B 362 -11.64 34.37 12.84
C VAL B 362 -11.82 33.20 13.82
N LEU B 363 -10.97 32.18 13.70
CA LEU B 363 -10.94 31.07 14.65
C LEU B 363 -10.70 31.53 16.08
N HIS B 364 -9.81 32.50 16.27
CA HIS B 364 -9.45 32.99 17.61
C HIS B 364 -10.69 33.61 18.29
N ALA B 365 -11.61 34.12 17.46
CA ALA B 365 -12.82 34.76 17.96
C ALA B 365 -14.00 33.80 18.09
N ALA B 366 -13.80 32.52 17.75
CA ALA B 366 -14.92 31.61 17.46
C ALA B 366 -15.27 30.58 18.56
N ASP B 367 -14.85 30.84 19.79
CA ASP B 367 -15.12 29.95 20.93
C ASP B 367 -16.53 29.41 21.02
N GLN B 368 -17.52 30.22 20.66
CA GLN B 368 -18.93 29.85 20.78
C GLN B 368 -19.35 28.74 19.81
N TRP B 369 -18.49 28.44 18.85
CA TRP B 369 -18.81 27.48 17.80
C TRP B 369 -18.16 26.10 17.99
N ALA B 370 -17.51 25.93 19.15
CA ALA B 370 -16.97 24.63 19.49
C ALA B 370 -18.09 23.66 19.89
N VAL B 371 -19.24 24.17 20.34
CA VAL B 371 -20.35 23.28 20.72
C VAL B 371 -20.76 22.41 19.55
N GLU B 372 -21.23 21.23 19.84
CA GLU B 372 -21.66 20.34 18.78
C GLU B 372 -22.94 20.88 18.16
N PRO B 373 -23.10 20.79 16.83
CA PRO B 373 -24.36 21.25 16.24
C PRO B 373 -25.52 20.30 16.55
N ALA B 374 -26.67 20.84 16.92
CA ALA B 374 -27.86 20.00 17.14
C ALA B 374 -28.50 19.64 15.80
N THR B 375 -28.57 20.64 14.93
CA THR B 375 -29.21 20.52 13.63
C THR B 375 -28.34 21.20 12.56
N VAL B 376 -28.75 21.04 11.31
CA VAL B 376 -28.17 21.72 10.17
C VAL B 376 -28.19 23.23 10.34
N ASP B 377 -29.26 23.72 10.96
CA ASP B 377 -29.41 25.15 11.17
C ASP B 377 -28.24 25.74 11.95
N ASP B 378 -27.72 25.02 12.94
CA ASP B 378 -26.51 25.47 13.69
C ASP B 378 -25.26 25.51 12.82
N VAL B 379 -25.10 24.54 11.91
CA VAL B 379 -23.96 24.59 11.01
C VAL B 379 -24.07 25.87 10.17
N LEU B 380 -25.27 26.12 9.61
CA LEU B 380 -25.56 27.32 8.82
C LEU B 380 -25.29 28.61 9.60
N ASP B 381 -25.72 28.67 10.86
CA ASP B 381 -25.46 29.86 11.70
C ASP B 381 -23.94 30.08 11.89
N ALA B 382 -23.21 28.99 12.09
CA ALA B 382 -21.76 29.04 12.23
C ALA B 382 -21.09 29.62 10.96
N GLN B 383 -21.54 29.16 9.81
CA GLN B 383 -21.00 29.61 8.55
C GLN B 383 -21.33 31.07 8.29
N ARG B 384 -22.56 31.46 8.56
CA ARG B 384 -22.95 32.88 8.44
C ARG B 384 -22.10 33.77 9.37
N TRP B 385 -21.99 33.39 10.63
CA TRP B 385 -21.15 34.13 11.58
C TRP B 385 -19.70 34.27 11.07
N ALA B 386 -19.12 33.16 10.59
CA ALA B 386 -17.75 33.11 10.10
C ALA B 386 -17.51 34.07 8.92
N ARG B 387 -18.42 34.03 7.94
CA ARG B 387 -18.34 34.88 6.75
C ARG B 387 -18.38 36.37 7.12
N GLU B 388 -19.30 36.75 8.00
CA GLU B 388 -19.44 38.16 8.38
C GLU B 388 -18.19 38.60 9.14
N ARG B 389 -17.66 37.70 9.95
CA ARG B 389 -16.45 37.95 10.69
C ARG B 389 -15.27 38.10 9.74
N ALA B 390 -15.26 37.30 8.68
CA ALA B 390 -14.17 37.36 7.70
C ALA B 390 -14.28 38.59 6.80
N GLN B 391 -15.51 38.93 6.43
CA GLN B 391 -15.82 40.16 5.71
C GLN B 391 -15.32 41.37 6.51
N ARG B 392 -15.67 41.42 7.80
CA ARG B 392 -15.20 42.50 8.66
C ARG B 392 -13.68 42.62 8.62
N ALA B 393 -12.97 41.50 8.76
CA ALA B 393 -11.50 41.51 8.75
C ALA B 393 -10.93 41.96 7.40
N VAL B 394 -11.49 41.44 6.31
CA VAL B 394 -11.11 41.84 4.96
C VAL B 394 -11.24 43.35 4.81
N SER B 395 -12.39 43.88 5.21
CA SER B 395 -12.75 45.26 4.96
C SER B 395 -11.78 46.30 5.57
N GLY B 396 -11.01 45.89 6.58
CA GLY B 396 -10.10 46.79 7.31
C GLY B 396 -8.62 46.74 6.96
N MET B 397 -8.30 46.16 5.80
CA MET B 397 -6.92 46.16 5.27
C MET B 397 -6.83 47.01 4.01
F1 FM7 C . 22.32 -12.51 5.65
C3 FM7 C . 16.93 -9.90 -1.52
C30 FM7 C . 21.02 -12.43 5.44
F2 FM7 C . 20.37 -12.02 6.53
F3 FM7 C . 20.60 -13.64 5.09
C20 FM7 C . 20.75 -11.39 4.39
C21 FM7 C . 21.76 -10.84 3.58
C22 FM7 C . 21.43 -9.86 2.63
C23 FM7 C . 20.10 -9.43 2.47
C19 FM7 C . 19.45 -10.95 4.22
C18 FM7 C . 19.12 -9.98 3.29
N2 FM7 C . 17.82 -9.60 3.16
C13 FM7 C . 17.46 -8.37 2.69
C14 FM7 C . 18.25 -7.24 2.96
C15 FM7 C . 17.88 -5.99 2.48
C16 FM7 C . 16.70 -5.84 1.74
C17 FM7 C . 15.90 -6.96 1.51
C12 FM7 C . 16.28 -8.23 1.98
C4 FM7 C . 15.40 -9.42 1.65
O1 FM7 C . 14.36 -9.65 2.23
N1 FM7 C . 15.72 -10.25 0.66
O2 FM7 C . 14.88 -11.35 0.35
C2 FM7 C . 17.00 -9.98 -0.02
C1 FM7 C . 17.32 -8.52 -2.07
PA1 FM7 C . 17.39 -8.47 -3.91
OP3 FM7 C . 18.69 -8.00 -4.55
OP2 FM7 C . 16.37 -7.42 -4.22
OP1 FM7 C . 17.01 -9.82 -4.51
C6 FM7 C . 18.49 -7.75 -1.55
C11 FM7 C . 18.36 -6.39 -1.36
C10 FM7 C . 19.41 -5.63 -0.89
C9 FM7 C . 20.62 -6.23 -0.64
CL2 FM7 C . 21.94 -5.24 -0.05
C8 FM7 C . 20.79 -7.61 -0.81
CL1 FM7 C . 22.38 -8.31 -0.45
C7 FM7 C . 19.71 -8.39 -1.28
#